data_4A7K
#
_entry.id   4A7K
#
_cell.length_a   132.990
_cell.length_b   79.740
_cell.length_c   96.880
_cell.angle_alpha   90.00
_cell.angle_beta   90.00
_cell.angle_gamma   90.00
#
_symmetry.space_group_name_H-M   'P 21 21 2'
#
loop_
_entity.id
_entity.type
_entity.pdbx_description
1 polymer 'ALDOS-2-ULOSE DEHYDRATASE'
2 non-polymer 'ZINC ION'
3 non-polymer 'MAGNESIUM ION'
4 non-polymer GLYCEROL
5 water water
#
_entity_poly.entity_id   1
_entity_poly.type   'polypeptide(L)'
_entity_poly.pdbx_seq_one_letter_code
;MYSKVFLKPHCEPEQPAALPLFQPQLVQGGRPDGYWVEAFPFRSDSSKCPNIIGYGLGTYDMKSDIQMLVNPYATTNNQS
SSWTPVPLAKLDFPVAMHYADITKNGFNDVIITDQYGSSMDDIWAYGGRVSWLENPGELRDNWTMRTIGHSPGMHRLKAG
HFTRTDRVQVVAVPIVVASSDLTTPADVIIFTAPDDPRSEQLWQRDVVGTRHLVHEVAIVPAAETDGEMRFDQIILAGRD
GVDCLWYDGARWQRHLVGTGLPEERGDPYWGAGSAAVGRVGDDYAGYICSAEAFHGNTVSVYTKPAGSPTGIVRAEWTRH
VLDVFGPLNGKHTGSIHQVVCADIDGDGEDEFLVAMMGADPPDFQRTGVWCYKLVDRTNMKFSKTKVSSVSAGRIATANF
HSQGSEVDIATISYSVPGYFESPNPSINVFLSTGILAERLDEEVMLRVVRAGSTRFKTEMEFLDVAGKKLTLVVLPPFAR
LDVERNVSGVKVMAGTVCWADENGKHERVPATRPFGCESMIVSADYLESGEEGAILVLYKPSSTSGRPPFRSMDELVAHN
LFPAYVPDSVRAMKFPWVRCADRPWAHGRFKDLDFFNLIGFHVNFADDSAAVLAHVQLWTAGIGVSAGFHNHVEASFCEI
HACIANGTGRGGMRWATVPDANFNPDSPNLEDTELIVVPDMHEHGPLWRTRPDGHPLLRMNDTIDYPWHAWLAGAGNPSP
QAFDVWVAFEFPGFETFSTPPPPRVLEPGRYAIRFGDPHQTASLALQKNDATDGTPVLALLDLDGGPSPQAWNISHVPGT
DMYEIAHAKTGSLVCARWPPVKNQRVAGTHSPAAMGLTSRWAVTKNTKGQITFRLPEAPDHGPLFLSVSAIRHQQEADAI
PVIVQGDSIELSAWSLVPAN
;
_entity_poly.pdbx_strand_id   A
#
loop_
_chem_comp.id
_chem_comp.type
_chem_comp.name
_chem_comp.formula
GOL non-polymer GLYCEROL 'C3 H8 O3'
MG non-polymer 'MAGNESIUM ION' 'Mg 2'
ZN non-polymer 'ZINC ION' 'Zn 2'
#
# COMPACT_ATOMS: atom_id res chain seq x y z
N GLN A 15 2.83 9.06 -10.55
CA GLN A 15 3.17 8.74 -9.13
C GLN A 15 4.12 7.55 -9.03
N PRO A 16 5.41 7.78 -8.68
CA PRO A 16 6.12 6.60 -8.17
C PRO A 16 5.29 5.88 -7.07
N ALA A 17 5.43 4.58 -6.94
CA ALA A 17 4.69 3.86 -5.93
C ALA A 17 5.46 4.04 -4.61
N ALA A 18 4.74 4.24 -3.51
CA ALA A 18 5.30 4.19 -2.19
C ALA A 18 5.25 2.77 -1.61
N LEU A 19 6.09 2.51 -0.62
CA LEU A 19 5.97 1.21 0.08
C LEU A 19 4.68 1.19 0.91
N PRO A 20 4.13 0.00 1.12
CA PRO A 20 2.99 -0.16 2.02
C PRO A 20 3.48 -0.02 3.48
N LEU A 21 2.54 0.08 4.43
CA LEU A 21 2.94 -0.14 5.82
C LEU A 21 3.03 -1.66 6.10
N PHE A 22 3.61 -1.99 7.25
CA PHE A 22 3.68 -3.38 7.73
C PHE A 22 3.23 -3.45 9.18
N GLN A 23 2.24 -4.31 9.44
CA GLN A 23 1.90 -4.68 10.80
C GLN A 23 2.74 -5.90 11.25
N PRO A 24 3.68 -5.70 12.22
CA PRO A 24 4.42 -6.85 12.71
C PRO A 24 3.56 -7.80 13.55
N GLN A 25 3.84 -9.11 13.46
CA GLN A 25 3.22 -10.09 14.35
C GLN A 25 4.22 -11.18 14.72
N LEU A 26 4.30 -11.54 16.01
CA LEU A 26 5.22 -12.62 16.41
C LEU A 26 4.52 -13.91 16.04
N VAL A 27 5.08 -14.69 15.13
CA VAL A 27 4.56 -15.99 14.78
C VAL A 27 4.95 -17.07 15.81
N GLN A 28 6.24 -17.07 16.21
CA GLN A 28 6.74 -18.03 17.23
C GLN A 28 7.96 -17.40 17.88
N GLY A 29 7.89 -17.16 19.18
CA GLY A 29 9.07 -16.63 19.89
C GLY A 29 9.72 -17.71 20.75
N GLY A 30 10.83 -17.34 21.40
CA GLY A 30 11.52 -18.19 22.36
C GLY A 30 12.08 -19.48 21.78
N ARG A 31 12.51 -19.47 20.50
CA ARG A 31 13.01 -20.66 19.87
C ARG A 31 14.44 -20.85 20.40
N PRO A 32 14.93 -22.10 20.46
CA PRO A 32 16.35 -22.35 20.85
C PRO A 32 17.38 -21.93 19.78
N ASP A 33 16.94 -21.80 18.53
CA ASP A 33 17.85 -21.53 17.40
C ASP A 33 16.97 -21.06 16.22
N GLY A 34 17.60 -20.72 15.11
CA GLY A 34 16.81 -20.45 13.87
C GLY A 34 17.69 -20.38 12.64
N TYR A 35 17.10 -20.79 11.50
CA TYR A 35 17.82 -20.84 10.25
C TYR A 35 16.94 -20.69 9.04
N TRP A 36 15.82 -21.40 9.00
CA TRP A 36 15.04 -21.44 7.77
C TRP A 36 13.62 -21.03 8.01
N VAL A 37 13.06 -20.25 7.08
CA VAL A 37 11.64 -19.96 7.13
C VAL A 37 11.14 -20.10 5.69
N GLU A 38 9.93 -20.60 5.48
CA GLU A 38 9.45 -20.90 4.15
C GLU A 38 7.95 -20.63 4.18
N ALA A 39 7.41 -19.98 3.14
CA ALA A 39 5.95 -19.88 2.99
C ALA A 39 5.54 -21.21 2.39
N PHE A 40 4.63 -21.92 3.05
CA PHE A 40 4.26 -23.26 2.62
C PHE A 40 2.79 -23.36 2.31
N PRO A 41 2.40 -23.33 1.03
CA PRO A 41 0.94 -23.51 0.79
C PRO A 41 0.54 -24.94 1.01
N PHE A 42 -0.56 -25.21 1.73
CA PHE A 42 -0.88 -26.56 2.09
C PHE A 42 -1.40 -27.24 0.81
N ARG A 43 -2.05 -26.46 -0.06
CA ARG A 43 -2.63 -27.01 -1.28
C ARG A 43 -1.90 -26.50 -2.48
N SER A 44 -1.84 -27.30 -3.55
CA SER A 44 -1.02 -26.92 -4.71
C SER A 44 -1.83 -26.09 -5.73
N ASP A 45 -3.12 -25.94 -5.46
CA ASP A 45 -3.97 -25.12 -6.27
C ASP A 45 -4.26 -23.75 -5.62
N SER A 46 -3.47 -23.33 -4.63
CA SER A 46 -3.72 -22.04 -3.98
C SER A 46 -2.48 -21.49 -3.28
N SER A 47 -2.19 -20.21 -3.49
CA SER A 47 -0.95 -19.59 -2.98
C SER A 47 -1.20 -18.67 -1.81
N LYS A 48 -2.47 -18.33 -1.58
CA LYS A 48 -2.89 -17.31 -0.63
C LYS A 48 -3.04 -17.86 0.79
N CYS A 49 -2.66 -17.05 1.77
CA CYS A 49 -2.59 -17.46 3.19
C CYS A 49 -1.90 -18.78 3.45
N PRO A 50 -0.65 -18.96 2.93
CA PRO A 50 0.00 -20.22 3.18
C PRO A 50 0.39 -20.39 4.64
N ASN A 51 0.84 -21.58 5.01
CA ASN A 51 1.32 -21.85 6.36
C ASN A 51 2.80 -21.44 6.36
N ILE A 52 3.44 -21.44 7.50
CA ILE A 52 4.92 -21.10 7.51
C ILE A 52 5.60 -22.37 8.03
N ILE A 53 6.70 -22.79 7.42
CA ILE A 53 7.52 -23.81 8.07
C ILE A 53 8.82 -23.14 8.53
N GLY A 54 9.26 -23.41 9.75
CA GLY A 54 10.54 -22.87 10.22
C GLY A 54 11.31 -23.90 11.08
N TYR A 55 12.64 -23.76 11.20
CA TYR A 55 13.39 -24.65 12.04
C TYR A 55 14.81 -24.08 12.05
N GLY A 56 15.64 -24.60 12.92
CA GLY A 56 17.05 -24.23 12.94
C GLY A 56 17.89 -25.46 12.61
N LEU A 57 19.21 -25.28 12.67
CA LEU A 57 20.14 -26.35 12.33
C LEU A 57 20.18 -27.50 13.34
N GLY A 58 19.57 -27.32 14.52
CA GLY A 58 19.72 -28.26 15.63
C GLY A 58 21.16 -28.30 16.15
N THR A 59 21.45 -29.19 17.10
CA THR A 59 22.82 -29.35 17.63
C THR A 59 23.00 -30.81 17.94
N TYR A 60 24.18 -31.20 18.47
CA TYR A 60 24.36 -32.61 18.81
C TYR A 60 23.49 -33.02 19.97
N ASP A 61 23.01 -32.02 20.70
CA ASP A 61 22.20 -32.28 21.87
C ASP A 61 20.69 -32.22 21.61
N MET A 62 20.30 -31.59 20.51
CA MET A 62 18.88 -31.53 20.17
C MET A 62 18.63 -31.67 18.68
N LYS A 63 17.72 -32.58 18.35
CA LYS A 63 17.21 -32.70 17.00
C LYS A 63 16.37 -31.46 16.77
N SER A 64 16.22 -31.14 15.53
CA SER A 64 15.52 -29.97 15.14
C SER A 64 14.06 -30.34 14.73
N ASP A 65 13.09 -29.68 15.37
CA ASP A 65 11.69 -29.91 14.97
C ASP A 65 11.36 -29.15 13.70
N ILE A 66 10.84 -29.86 12.70
CA ILE A 66 10.45 -29.21 11.45
C ILE A 66 8.99 -28.73 11.67
N GLN A 67 8.81 -27.47 12.01
CA GLN A 67 7.50 -26.99 12.48
C GLN A 67 6.72 -26.33 11.37
N MET A 68 5.50 -26.79 11.13
CA MET A 68 4.62 -26.10 10.23
C MET A 68 3.68 -25.34 11.14
N LEU A 69 3.66 -24.04 10.97
CA LEU A 69 2.86 -23.15 11.79
C LEU A 69 1.66 -22.80 10.93
N VAL A 70 0.48 -23.19 11.41
CA VAL A 70 -0.78 -23.09 10.73
C VAL A 70 -1.20 -21.62 10.71
N ASN A 71 -1.52 -21.13 9.52
CA ASN A 71 -1.97 -19.76 9.29
C ASN A 71 -3.37 -19.55 9.82
N PRO A 72 -3.53 -18.74 10.88
CA PRO A 72 -4.89 -18.59 11.42
C PRO A 72 -5.82 -17.80 10.48
N TYR A 73 -5.25 -17.05 9.53
CA TYR A 73 -6.07 -16.17 8.69
C TYR A 73 -6.59 -16.94 7.46
N ALA A 74 -6.16 -18.20 7.28
CA ALA A 74 -6.40 -18.96 6.06
C ALA A 74 -7.88 -19.31 6.04
N THR A 75 -8.41 -19.60 7.22
CA THR A 75 -9.77 -19.97 7.29
C THR A 75 -10.58 -18.68 7.37
N THR A 76 -11.33 -18.44 6.29
CA THR A 76 -12.22 -17.30 6.20
C THR A 76 -13.12 -17.27 7.48
N ASN A 77 -13.50 -16.08 7.96
CA ASN A 77 -14.30 -15.92 9.19
C ASN A 77 -13.52 -16.21 10.49
N ASN A 78 -12.20 -16.11 10.39
CA ASN A 78 -11.32 -16.33 11.52
C ASN A 78 -11.35 -15.27 12.68
N GLN A 79 -11.17 -15.77 13.90
CA GLN A 79 -11.12 -14.97 15.10
C GLN A 79 -9.73 -14.96 15.77
N SER A 80 -8.81 -15.79 15.30
CA SER A 80 -7.61 -16.03 16.09
C SER A 80 -6.44 -15.43 15.40
N SER A 81 -5.47 -14.93 16.15
CA SER A 81 -4.18 -14.59 15.54
C SER A 81 -3.09 -15.61 15.91
N SER A 82 -3.46 -16.70 16.55
CA SER A 82 -2.43 -17.61 16.99
C SER A 82 -2.00 -18.62 15.89
N TRP A 83 -0.69 -18.71 15.60
CA TRP A 83 -0.18 -19.69 14.65
C TRP A 83 0.09 -21.04 15.32
N THR A 84 -0.75 -22.07 15.12
CA THR A 84 -0.49 -23.38 15.82
C THR A 84 0.68 -24.14 15.20
N PRO A 85 1.75 -24.44 15.97
CA PRO A 85 2.85 -25.30 15.46
C PRO A 85 2.41 -26.76 15.28
N VAL A 86 2.74 -27.41 14.16
CA VAL A 86 2.48 -28.86 13.94
C VAL A 86 3.80 -29.45 13.49
N PRO A 87 4.41 -30.35 14.31
CA PRO A 87 5.74 -30.84 13.95
C PRO A 87 5.66 -31.91 12.86
N LEU A 88 6.25 -31.63 11.69
CA LEU A 88 6.20 -32.62 10.62
C LEU A 88 7.21 -33.75 10.77
N ALA A 89 8.33 -33.45 11.43
CA ALA A 89 9.44 -34.42 11.60
C ALA A 89 10.37 -33.86 12.67
N LYS A 90 11.27 -34.71 13.14
CA LYS A 90 12.32 -34.32 14.07
C LYS A 90 13.61 -34.92 13.50
N LEU A 91 14.51 -34.08 13.02
CA LEU A 91 15.62 -34.52 12.16
C LEU A 91 16.95 -34.11 12.73
N ASP A 92 17.98 -34.89 12.41
CA ASP A 92 19.36 -34.51 12.74
C ASP A 92 19.87 -33.54 11.69
N PHE A 93 20.27 -32.34 12.13
CA PHE A 93 20.91 -31.39 11.25
C PHE A 93 20.27 -31.15 9.87
N PRO A 94 19.02 -30.69 9.84
CA PRO A 94 18.40 -30.23 8.57
C PRO A 94 19.01 -28.91 8.15
N VAL A 95 18.93 -28.68 6.84
CA VAL A 95 19.36 -27.45 6.22
C VAL A 95 18.27 -26.79 5.37
N ALA A 96 18.12 -27.21 4.12
CA ALA A 96 17.31 -26.47 3.16
C ALA A 96 16.03 -27.23 2.93
N MET A 97 15.01 -26.55 2.42
CA MET A 97 13.75 -27.29 2.09
C MET A 97 13.02 -26.61 0.97
N HIS A 98 12.08 -27.30 0.29
CA HIS A 98 11.16 -26.63 -0.61
C HIS A 98 9.91 -27.48 -0.64
N TYR A 99 9.06 -27.36 -1.66
CA TYR A 99 7.83 -28.15 -1.66
C TYR A 99 7.40 -28.38 -3.06
N ALA A 100 6.51 -29.37 -3.27
CA ALA A 100 5.95 -29.60 -4.61
C ALA A 100 4.85 -30.62 -4.40
N ASP A 101 3.95 -30.74 -5.36
CA ASP A 101 2.96 -31.81 -5.27
C ASP A 101 3.58 -33.12 -5.89
N ILE A 102 4.37 -33.83 -5.06
CA ILE A 102 4.98 -35.13 -5.45
C ILE A 102 3.97 -36.22 -5.84
N THR A 103 2.96 -36.45 -5.00
CA THR A 103 1.96 -37.48 -5.23
C THR A 103 0.89 -37.00 -6.20
N LYS A 104 0.97 -35.76 -6.68
CA LYS A 104 -0.02 -35.20 -7.62
C LYS A 104 -1.45 -35.38 -7.11
N ASN A 105 -1.70 -35.02 -5.86
CA ASN A 105 -3.05 -35.22 -5.30
C ASN A 105 -3.66 -33.90 -4.77
N GLY A 106 -3.00 -32.77 -5.08
CA GLY A 106 -3.58 -31.46 -4.72
C GLY A 106 -3.04 -30.88 -3.40
N PHE A 107 -2.17 -31.64 -2.72
CA PHE A 107 -1.51 -31.21 -1.49
C PHE A 107 -0.02 -31.14 -1.66
N ASN A 108 0.57 -30.02 -1.25
CA ASN A 108 2.05 -29.88 -1.36
C ASN A 108 2.80 -30.77 -0.35
N ASP A 109 3.80 -31.49 -0.86
CA ASP A 109 4.68 -32.32 -0.03
C ASP A 109 5.93 -31.50 0.24
N VAL A 110 6.62 -31.80 1.34
CA VAL A 110 7.84 -31.13 1.76
C VAL A 110 9.08 -31.89 1.31
N ILE A 111 10.03 -31.16 0.75
CA ILE A 111 11.28 -31.76 0.38
C ILE A 111 12.36 -31.16 1.27
N ILE A 112 13.18 -32.00 1.90
CA ILE A 112 14.06 -31.47 2.91
C ILE A 112 15.42 -32.17 2.92
N THR A 113 16.46 -31.40 3.27
CA THR A 113 17.80 -31.97 3.43
C THR A 113 18.14 -32.08 4.91
N ASP A 114 18.86 -33.13 5.29
CA ASP A 114 19.29 -33.22 6.70
C ASP A 114 20.55 -34.08 6.76
N GLN A 115 20.92 -34.50 7.98
CA GLN A 115 22.14 -35.26 8.18
C GLN A 115 23.37 -34.46 7.66
N TYR A 116 23.31 -33.13 7.70
CA TYR A 116 24.39 -32.27 7.19
C TYR A 116 25.62 -32.43 8.07
N GLY A 117 25.43 -32.37 9.39
CA GLY A 117 26.55 -32.24 10.33
C GLY A 117 26.40 -30.91 11.06
N SER A 118 27.37 -30.51 11.89
CA SER A 118 27.20 -29.33 12.74
C SER A 118 27.83 -28.04 12.20
N SER A 119 28.73 -28.15 11.23
CA SER A 119 29.30 -27.00 10.50
C SER A 119 30.10 -27.50 9.29
N MET A 120 30.55 -26.55 8.49
CA MET A 120 31.51 -26.84 7.44
C MET A 120 32.76 -27.57 7.93
N ASP A 121 33.07 -27.56 9.23
CA ASP A 121 34.20 -28.36 9.71
C ASP A 121 33.78 -29.71 10.25
N ASP A 122 32.49 -30.02 10.12
CA ASP A 122 31.95 -31.26 10.66
C ASP A 122 30.80 -31.75 9.77
N ILE A 123 31.20 -32.14 8.56
CA ILE A 123 30.32 -32.69 7.56
C ILE A 123 30.24 -34.24 7.69
N TRP A 124 29.02 -34.70 7.93
CA TRP A 124 28.71 -36.12 7.97
C TRP A 124 29.00 -36.81 6.64
N ALA A 125 29.92 -37.77 6.68
CA ALA A 125 30.45 -38.33 5.46
C ALA A 125 29.42 -39.18 4.72
N TYR A 126 28.40 -39.67 5.45
CA TYR A 126 27.33 -40.51 4.93
C TYR A 126 26.00 -39.79 4.99
N GLY A 127 26.05 -38.47 5.20
CA GLY A 127 24.84 -37.70 5.40
C GLY A 127 24.56 -36.91 4.11
N GLY A 128 24.00 -35.70 4.27
CA GLY A 128 23.58 -34.92 3.10
C GLY A 128 22.41 -35.58 2.40
N ARG A 129 21.47 -36.02 3.20
CA ARG A 129 20.26 -36.68 2.74
C ARG A 129 19.22 -35.70 2.17
N VAL A 130 18.45 -36.18 1.18
CA VAL A 130 17.36 -35.43 0.63
C VAL A 130 16.19 -36.39 0.73
N SER A 131 15.07 -35.90 1.22
CA SER A 131 13.94 -36.76 1.56
C SER A 131 12.67 -35.99 1.26
N TRP A 132 11.55 -36.69 1.23
CA TRP A 132 10.34 -35.92 1.18
C TRP A 132 9.39 -36.45 2.22
N LEU A 133 8.55 -35.52 2.68
CA LEU A 133 7.48 -35.74 3.65
C LEU A 133 6.11 -35.67 2.97
N GLU A 134 5.37 -36.75 3.07
CA GLU A 134 4.11 -36.83 2.41
C GLU A 134 3.03 -36.09 3.20
N ASN A 135 2.46 -35.07 2.58
CA ASN A 135 1.34 -34.36 3.15
C ASN A 135 0.14 -35.29 3.15
N PRO A 136 -0.49 -35.56 4.32
CA PRO A 136 -1.61 -36.50 4.34
C PRO A 136 -2.96 -35.89 4.03
N GLY A 137 -3.01 -34.64 3.54
CA GLY A 137 -4.30 -34.04 3.22
C GLY A 137 -5.10 -33.52 4.41
N GLU A 138 -4.51 -33.56 5.60
CA GLU A 138 -5.10 -32.96 6.76
C GLU A 138 -4.01 -32.54 7.74
N LEU A 139 -4.38 -31.79 8.78
CA LEU A 139 -3.43 -31.39 9.81
C LEU A 139 -3.15 -32.62 10.70
N ARG A 140 -2.00 -33.24 10.49
CA ARG A 140 -1.47 -34.25 11.37
C ARG A 140 0.03 -34.02 11.43
N ASP A 141 0.63 -34.42 12.55
CA ASP A 141 2.06 -34.32 12.68
C ASP A 141 2.76 -35.55 12.08
N ASN A 142 4.09 -35.50 12.09
CA ASN A 142 4.93 -36.63 11.80
C ASN A 142 4.55 -37.39 10.52
N TRP A 143 4.66 -36.70 9.39
CA TRP A 143 4.36 -37.22 8.03
C TRP A 143 5.29 -38.32 7.57
N THR A 144 4.82 -39.23 6.71
CA THR A 144 5.69 -40.27 6.16
C THR A 144 6.86 -39.68 5.34
N MET A 145 8.07 -40.13 5.67
CA MET A 145 9.30 -39.63 5.09
C MET A 145 10.00 -40.71 4.25
N ARG A 146 10.48 -40.34 3.06
CA ARG A 146 11.10 -41.29 2.16
C ARG A 146 12.34 -40.65 1.60
N THR A 147 13.37 -41.45 1.38
CA THR A 147 14.69 -40.94 0.99
C THR A 147 14.70 -40.76 -0.50
N ILE A 148 15.15 -39.58 -0.94
CA ILE A 148 15.33 -39.30 -2.33
C ILE A 148 16.73 -39.68 -2.77
N GLY A 149 17.76 -39.20 -2.06
CA GLY A 149 19.15 -39.58 -2.36
C GLY A 149 20.05 -38.92 -1.34
N HIS A 150 21.38 -38.89 -1.58
CA HIS A 150 22.34 -38.38 -0.59
CA HIS A 150 22.29 -38.30 -0.62
C HIS A 150 23.50 -37.78 -1.31
N SER A 151 24.12 -36.77 -0.70
CA SER A 151 25.46 -36.33 -1.13
C SER A 151 26.05 -35.50 0.05
N PRO A 152 27.23 -35.90 0.58
CA PRO A 152 27.80 -35.18 1.78
C PRO A 152 27.84 -33.65 1.58
N GLY A 153 27.43 -32.89 2.59
CA GLY A 153 27.48 -31.39 2.55
C GLY A 153 26.25 -30.76 1.93
N MET A 154 25.27 -31.59 1.61
CA MET A 154 24.04 -31.18 0.92
C MET A 154 23.46 -29.92 1.62
N HIS A 155 23.16 -28.86 0.85
CA HIS A 155 22.96 -27.57 1.53
C HIS A 155 21.85 -26.66 1.01
N ARG A 156 21.49 -26.76 -0.27
CA ARG A 156 20.41 -25.99 -0.82
C ARG A 156 19.68 -26.89 -1.78
N LEU A 157 18.40 -26.67 -1.93
CA LEU A 157 17.62 -27.41 -2.89
C LEU A 157 16.34 -26.67 -3.29
N LYS A 158 15.89 -26.96 -4.52
CA LYS A 158 14.61 -26.44 -5.02
C LYS A 158 13.97 -27.50 -5.90
N ALA A 159 12.65 -27.55 -5.83
CA ALA A 159 11.88 -28.34 -6.70
C ALA A 159 11.50 -27.54 -7.99
N GLY A 160 11.19 -28.26 -9.07
CA GLY A 160 10.72 -27.60 -10.30
C GLY A 160 10.57 -28.63 -11.41
N HIS A 161 10.46 -28.11 -12.63
CA HIS A 161 10.44 -28.92 -13.83
C HIS A 161 11.63 -28.53 -14.66
N PHE A 162 12.70 -29.33 -14.61
CA PHE A 162 13.97 -28.98 -15.27
C PHE A 162 14.18 -29.60 -16.62
N THR A 163 13.83 -30.89 -16.78
CA THR A 163 14.06 -31.60 -18.04
C THR A 163 12.75 -32.25 -18.53
N ARG A 164 11.72 -32.26 -17.70
CA ARG A 164 10.41 -32.77 -18.06
C ARG A 164 9.36 -32.08 -17.23
N THR A 165 8.10 -32.25 -17.63
CA THR A 165 7.01 -31.58 -16.96
C THR A 165 5.96 -32.54 -16.32
N ASP A 166 6.22 -33.85 -16.38
CA ASP A 166 5.27 -34.91 -15.93
C ASP A 166 5.68 -35.53 -14.57
N ARG A 167 6.82 -35.09 -13.99
CA ARG A 167 7.31 -35.57 -12.67
C ARG A 167 7.86 -34.36 -11.88
N VAL A 168 7.82 -34.41 -10.54
CA VAL A 168 8.55 -33.41 -9.75
C VAL A 168 10.03 -33.71 -9.94
N GLN A 169 10.83 -32.65 -10.06
CA GLN A 169 12.24 -32.77 -10.06
C GLN A 169 12.80 -31.83 -9.02
N VAL A 170 13.97 -32.18 -8.54
CA VAL A 170 14.59 -31.46 -7.47
C VAL A 170 16.05 -31.21 -7.82
N VAL A 171 16.50 -29.96 -7.75
CA VAL A 171 17.97 -29.68 -7.92
C VAL A 171 18.52 -29.57 -6.50
N ALA A 172 19.60 -30.28 -6.22
CA ALA A 172 20.14 -30.29 -4.88
C ALA A 172 21.66 -30.05 -4.93
N VAL A 173 22.21 -29.24 -4.03
CA VAL A 173 23.61 -28.90 -4.20
C VAL A 173 24.29 -28.86 -2.82
N PRO A 174 25.34 -29.67 -2.64
CA PRO A 174 26.20 -29.53 -1.46
C PRO A 174 27.05 -28.25 -1.55
N ILE A 175 27.35 -27.68 -0.41
CA ILE A 175 28.25 -26.52 -0.35
C ILE A 175 29.73 -26.90 -0.30
N VAL A 176 30.06 -27.94 0.47
CA VAL A 176 31.38 -28.54 0.55
C VAL A 176 31.18 -30.06 0.45
N VAL A 177 32.23 -30.81 0.16
CA VAL A 177 32.10 -32.28 -0.01
C VAL A 177 32.53 -33.03 1.25
N ALA A 178 33.16 -32.31 2.17
CA ALA A 178 33.84 -32.95 3.28
C ALA A 178 34.30 -31.90 4.27
N SER A 179 34.49 -32.33 5.52
CA SER A 179 34.92 -31.47 6.60
C SER A 179 36.13 -30.59 6.25
N SER A 180 35.96 -29.27 6.46
CA SER A 180 36.98 -28.26 6.22
C SER A 180 37.49 -28.23 4.79
N ASP A 181 36.75 -28.79 3.84
CA ASP A 181 37.25 -28.78 2.47
C ASP A 181 36.57 -27.66 1.70
N LEU A 182 37.26 -26.51 1.57
CA LEU A 182 36.58 -25.35 0.96
C LEU A 182 37.00 -25.11 -0.48
N THR A 183 37.69 -26.10 -1.06
CA THR A 183 38.24 -25.94 -2.42
C THR A 183 37.74 -26.95 -3.45
N THR A 184 37.33 -28.15 -3.01
CA THR A 184 36.79 -29.17 -3.93
C THR A 184 35.41 -28.75 -4.33
N PRO A 185 35.12 -28.74 -5.66
CA PRO A 185 33.72 -28.44 -6.10
C PRO A 185 32.75 -29.58 -5.82
N ALA A 186 31.47 -29.27 -5.70
CA ALA A 186 30.45 -30.25 -5.39
C ALA A 186 29.53 -30.49 -6.62
N ASP A 187 28.92 -31.66 -6.71
CA ASP A 187 27.93 -31.95 -7.75
C ASP A 187 26.69 -31.08 -7.63
N VAL A 188 26.22 -30.63 -8.78
CA VAL A 188 24.94 -30.01 -8.89
C VAL A 188 24.02 -31.20 -9.33
N ILE A 189 23.05 -31.60 -8.48
CA ILE A 189 22.34 -32.88 -8.79
C ILE A 189 20.88 -32.64 -9.09
N ILE A 190 20.34 -33.34 -10.08
CA ILE A 190 18.91 -33.35 -10.35
C ILE A 190 18.31 -34.72 -10.04
N PHE A 191 17.40 -34.73 -9.08
CA PHE A 191 16.59 -35.90 -8.77
C PHE A 191 15.21 -35.82 -9.44
N THR A 192 14.78 -36.95 -9.98
CA THR A 192 13.53 -37.04 -10.71
C THR A 192 12.61 -38.01 -9.99
N ALA A 193 11.42 -37.56 -9.63
CA ALA A 193 10.42 -38.49 -9.07
C ALA A 193 10.15 -39.74 -9.92
N PRO A 194 9.98 -40.89 -9.26
CA PRO A 194 9.51 -42.03 -10.07
C PRO A 194 8.04 -41.82 -10.40
N ASP A 195 7.53 -42.70 -11.23
CA ASP A 195 6.15 -42.78 -11.60
C ASP A 195 5.27 -43.01 -10.37
N ASP A 196 5.66 -43.92 -9.49
CA ASP A 196 5.00 -44.01 -8.18
C ASP A 196 5.97 -43.70 -7.01
N PRO A 197 5.96 -42.43 -6.53
CA PRO A 197 6.92 -42.09 -5.47
C PRO A 197 6.60 -42.74 -4.11
N ARG A 198 5.39 -43.27 -3.92
CA ARG A 198 5.05 -43.95 -2.68
C ARG A 198 5.62 -45.38 -2.60
N SER A 199 6.16 -45.90 -3.67
CA SER A 199 6.87 -47.16 -3.55
C SER A 199 8.33 -46.88 -3.82
N GLU A 200 8.86 -47.66 -4.75
CA GLU A 200 10.26 -47.62 -5.22
C GLU A 200 11.26 -47.25 -4.14
N GLN A 201 11.66 -45.98 -4.11
CA GLN A 201 12.71 -45.46 -3.23
C GLN A 201 13.99 -45.21 -4.00
N LEU A 202 14.75 -44.22 -3.50
CA LEU A 202 15.81 -43.57 -4.27
C LEU A 202 15.32 -43.22 -5.69
N TRP A 203 15.38 -41.93 -5.95
CA TRP A 203 14.87 -41.34 -7.18
C TRP A 203 15.96 -41.45 -8.22
N GLN A 204 15.62 -41.34 -9.50
CA GLN A 204 16.65 -41.18 -10.55
C GLN A 204 17.54 -39.95 -10.27
N ARG A 205 18.87 -40.10 -10.43
CA ARG A 205 19.77 -38.97 -10.28
C ARG A 205 20.76 -38.73 -11.40
N ASP A 206 20.92 -37.46 -11.76
CA ASP A 206 21.84 -37.01 -12.81
C ASP A 206 22.61 -35.80 -12.32
N VAL A 207 23.91 -35.78 -12.50
CA VAL A 207 24.74 -34.65 -12.09
C VAL A 207 24.84 -33.75 -13.32
N VAL A 208 24.52 -32.47 -13.20
CA VAL A 208 24.49 -31.56 -14.33
C VAL A 208 25.56 -30.41 -14.18
N GLY A 209 26.51 -30.57 -13.24
CA GLY A 209 27.60 -29.59 -13.17
C GLY A 209 28.32 -29.74 -11.86
N THR A 210 29.44 -29.07 -11.72
CA THR A 210 30.09 -28.97 -10.42
C THR A 210 30.48 -27.54 -10.20
N ARG A 211 30.29 -27.10 -8.96
CA ARG A 211 30.45 -25.72 -8.52
C ARG A 211 31.12 -25.70 -7.15
N HIS A 212 31.82 -24.60 -6.87
CA HIS A 212 32.47 -24.31 -5.62
C HIS A 212 31.61 -23.49 -4.66
N LEU A 213 31.45 -23.94 -3.39
CA LEU A 213 30.74 -23.12 -2.36
C LEU A 213 29.39 -22.50 -2.80
N VAL A 214 28.56 -23.30 -3.47
CA VAL A 214 27.21 -22.83 -3.74
C VAL A 214 26.39 -22.63 -2.46
N HIS A 215 25.86 -21.43 -2.30
CA HIS A 215 25.19 -21.07 -1.07
C HIS A 215 23.75 -20.74 -1.35
N GLU A 216 23.40 -20.54 -2.62
CA GLU A 216 21.97 -20.28 -2.90
C GLU A 216 21.62 -20.91 -4.21
N VAL A 217 20.38 -21.45 -4.32
CA VAL A 217 19.77 -21.90 -5.59
C VAL A 217 18.48 -21.13 -5.79
N ALA A 218 18.36 -20.41 -6.93
CA ALA A 218 17.12 -19.69 -7.20
C ALA A 218 16.56 -20.29 -8.49
N ILE A 219 15.24 -20.28 -8.63
CA ILE A 219 14.51 -20.94 -9.77
C ILE A 219 13.73 -19.84 -10.47
N VAL A 220 13.83 -19.80 -11.83
CA VAL A 220 12.90 -19.01 -12.65
C VAL A 220 11.90 -19.98 -13.33
N PRO A 221 10.62 -19.97 -12.89
CA PRO A 221 9.62 -20.89 -13.48
C PRO A 221 9.45 -20.53 -14.94
N ALA A 222 9.50 -21.54 -15.80
CA ALA A 222 9.18 -21.38 -17.25
C ALA A 222 8.00 -20.44 -17.53
N ALA A 223 6.94 -20.56 -16.72
CA ALA A 223 5.69 -19.79 -16.87
C ALA A 223 5.93 -18.30 -16.69
N GLU A 224 6.99 -17.93 -15.99
CA GLU A 224 7.38 -16.49 -15.83
C GLU A 224 7.98 -15.81 -17.03
N THR A 225 8.30 -16.58 -18.08
CA THR A 225 9.28 -16.12 -19.08
C THR A 225 8.61 -15.73 -20.37
N ASP A 226 7.27 -15.69 -20.33
CA ASP A 226 6.47 -15.26 -21.45
C ASP A 226 6.96 -15.98 -22.71
N GLY A 227 7.15 -17.29 -22.60
CA GLY A 227 7.38 -18.09 -23.79
C GLY A 227 8.83 -18.22 -24.18
N GLU A 228 9.75 -17.62 -23.44
CA GLU A 228 11.18 -17.78 -23.73
C GLU A 228 11.66 -19.22 -23.42
N MET A 229 11.23 -19.82 -22.29
CA MET A 229 11.80 -21.10 -21.86
C MET A 229 10.76 -22.18 -21.69
N ARG A 230 11.01 -23.36 -22.23
CA ARG A 230 10.17 -24.50 -21.91
C ARG A 230 10.30 -24.95 -20.47
N PHE A 231 11.50 -24.82 -19.89
CA PHE A 231 11.74 -25.41 -18.58
C PHE A 231 12.27 -24.35 -17.63
N ASP A 232 12.37 -24.73 -16.36
CA ASP A 232 12.76 -23.78 -15.33
C ASP A 232 14.31 -23.58 -15.35
N GLN A 233 14.72 -22.34 -15.10
CA GLN A 233 16.17 -21.97 -15.09
C GLN A 233 16.67 -22.05 -13.67
N ILE A 234 17.89 -22.54 -13.53
CA ILE A 234 18.48 -22.66 -12.20
C ILE A 234 19.57 -21.61 -12.08
N ILE A 235 19.45 -20.73 -11.08
CA ILE A 235 20.41 -19.70 -10.88
C ILE A 235 21.17 -20.07 -9.63
N LEU A 236 22.50 -20.12 -9.76
CA LEU A 236 23.32 -20.51 -8.61
C LEU A 236 24.22 -19.40 -8.16
N ALA A 237 24.34 -19.26 -6.84
CA ALA A 237 25.22 -18.23 -6.30
C ALA A 237 26.24 -18.96 -5.49
N GLY A 238 27.52 -18.87 -5.90
CA GLY A 238 28.61 -19.52 -5.14
C GLY A 238 29.94 -18.84 -5.39
N ARG A 239 31.04 -19.49 -5.00
CA ARG A 239 32.40 -18.95 -5.18
C ARG A 239 32.74 -18.61 -6.65
N ASP A 240 32.06 -19.30 -7.57
CA ASP A 240 32.20 -19.08 -9.02
C ASP A 240 31.43 -17.86 -9.53
N GLY A 241 30.72 -17.18 -8.62
CA GLY A 241 29.91 -16.00 -8.97
C GLY A 241 28.44 -16.40 -9.14
N VAL A 242 27.76 -15.76 -10.09
CA VAL A 242 26.33 -16.05 -10.33
C VAL A 242 26.21 -16.57 -11.73
N ASP A 243 25.54 -17.72 -11.91
CA ASP A 243 25.32 -18.28 -13.27
C ASP A 243 23.98 -18.96 -13.37
N CYS A 244 23.53 -19.18 -14.61
CA CYS A 244 22.22 -19.71 -14.91
C CYS A 244 22.39 -21.02 -15.70
N LEU A 245 21.81 -22.12 -15.23
CA LEU A 245 21.86 -23.40 -15.94
C LEU A 245 20.45 -23.69 -16.42
N TRP A 246 20.31 -24.23 -17.64
CA TRP A 246 18.99 -24.57 -18.12
C TRP A 246 19.06 -25.64 -19.16
N TYR A 247 17.95 -26.35 -19.26
CA TYR A 247 17.80 -27.43 -20.20
C TYR A 247 16.79 -26.97 -21.23
N ASP A 248 17.06 -27.24 -22.50
CA ASP A 248 16.29 -26.59 -23.56
C ASP A 248 15.53 -27.58 -24.44
N GLY A 249 15.42 -28.83 -23.98
CA GLY A 249 14.77 -29.91 -24.72
C GLY A 249 15.84 -30.79 -25.31
N ALA A 250 17.06 -30.27 -25.43
CA ALA A 250 18.12 -30.98 -26.15
C ALA A 250 19.30 -31.24 -25.26
N ARG A 251 19.71 -30.23 -24.50
CA ARG A 251 20.89 -30.30 -23.65
C ARG A 251 20.88 -29.24 -22.56
N TRP A 252 21.76 -29.42 -21.56
CA TRP A 252 22.10 -28.39 -20.62
C TRP A 252 23.05 -27.33 -21.18
N GLN A 253 22.74 -26.06 -20.86
CA GLN A 253 23.68 -24.99 -21.12
C GLN A 253 23.88 -24.14 -19.89
N ARG A 254 24.94 -23.33 -19.95
CA ARG A 254 25.26 -22.44 -18.88
C ARG A 254 25.49 -21.03 -19.39
N HIS A 255 25.00 -20.04 -18.66
CA HIS A 255 25.29 -18.64 -18.95
C HIS A 255 25.80 -17.94 -17.73
N LEU A 256 27.03 -17.48 -17.81
CA LEU A 256 27.64 -16.74 -16.72
C LEU A 256 26.92 -15.35 -16.56
N VAL A 257 26.46 -15.01 -15.35
CA VAL A 257 25.96 -13.65 -15.09
C VAL A 257 27.14 -12.74 -14.65
N GLY A 258 27.94 -13.23 -13.71
CA GLY A 258 29.20 -12.56 -13.36
C GLY A 258 29.84 -13.33 -12.26
N THR A 259 31.03 -12.86 -11.87
CA THR A 259 31.96 -13.58 -11.03
C THR A 259 31.96 -13.07 -9.58
N GLY A 260 31.23 -11.99 -9.30
CA GLY A 260 31.00 -11.55 -7.92
C GLY A 260 32.23 -10.94 -7.29
N LEU A 261 32.37 -11.13 -5.98
CA LEU A 261 33.49 -10.55 -5.19
C LEU A 261 34.84 -11.12 -5.57
N PRO A 262 35.77 -10.26 -6.00
CA PRO A 262 37.08 -10.86 -6.31
C PRO A 262 37.71 -11.61 -5.13
N GLU A 263 38.51 -12.63 -5.45
CA GLU A 263 39.22 -13.34 -4.38
C GLU A 263 40.21 -12.44 -3.58
N GLU A 264 40.20 -12.55 -2.26
CA GLU A 264 41.18 -11.89 -1.41
C GLU A 264 42.14 -12.87 -0.69
N ARG A 265 43.43 -12.55 -0.68
CA ARG A 265 44.45 -13.44 -0.06
C ARG A 265 44.11 -13.75 1.40
N GLY A 266 44.19 -15.03 1.76
CA GLY A 266 43.93 -15.49 3.14
C GLY A 266 42.44 -15.66 3.44
N ASP A 267 41.58 -15.46 2.44
CA ASP A 267 40.12 -15.51 2.63
C ASP A 267 39.58 -16.48 1.58
N PRO A 268 38.87 -17.55 2.02
CA PRO A 268 38.35 -18.62 1.22
C PRO A 268 37.02 -18.34 0.55
N TYR A 269 36.40 -17.21 0.91
CA TYR A 269 35.16 -16.85 0.33
C TYR A 269 35.26 -15.71 -0.69
N TRP A 270 34.86 -16.03 -1.90
CA TRP A 270 34.66 -14.99 -2.90
C TRP A 270 33.51 -15.39 -3.75
N GLY A 271 33.28 -14.66 -4.84
CA GLY A 271 32.08 -14.78 -5.67
C GLY A 271 30.86 -14.25 -4.92
N ALA A 272 29.82 -15.09 -4.80
CA ALA A 272 28.51 -14.68 -4.33
C ALA A 272 28.04 -15.64 -3.20
N GLY A 273 27.22 -15.08 -2.28
CA GLY A 273 26.59 -15.80 -1.20
C GLY A 273 25.11 -16.10 -1.57
N SER A 274 24.44 -15.18 -2.30
CA SER A 274 23.03 -15.33 -2.66
C SER A 274 22.74 -14.53 -3.95
N ALA A 275 21.69 -14.85 -4.67
CA ALA A 275 21.31 -14.07 -5.86
C ALA A 275 19.82 -14.29 -6.11
N ALA A 276 19.12 -13.28 -6.70
CA ALA A 276 17.69 -13.37 -7.00
C ALA A 276 17.42 -12.59 -8.28
N VAL A 277 16.39 -13.01 -9.01
CA VAL A 277 16.15 -12.43 -10.31
C VAL A 277 14.97 -11.49 -10.18
N GLY A 278 15.17 -10.25 -10.64
CA GLY A 278 14.21 -9.11 -10.43
C GLY A 278 13.44 -8.74 -11.67
N ARG A 279 12.10 -8.89 -11.62
CA ARG A 279 11.28 -8.43 -12.71
C ARG A 279 11.24 -6.89 -12.80
N VAL A 280 11.37 -6.32 -14.01
CA VAL A 280 11.08 -4.90 -14.23
C VAL A 280 10.07 -4.88 -15.38
N GLY A 281 8.80 -4.58 -15.07
CA GLY A 281 7.75 -4.46 -16.11
C GLY A 281 7.53 -5.77 -16.84
N ASP A 282 7.67 -5.71 -18.17
CA ASP A 282 7.57 -6.86 -19.10
C ASP A 282 8.72 -7.90 -19.05
N ASP A 283 9.84 -7.58 -18.42
CA ASP A 283 10.99 -8.47 -18.42
C ASP A 283 11.08 -9.14 -17.03
N TYR A 284 10.96 -10.48 -16.97
CA TYR A 284 11.08 -11.15 -15.67
C TYR A 284 12.49 -10.98 -15.12
N ALA A 285 13.45 -10.65 -15.99
CA ALA A 285 14.84 -10.45 -15.50
C ALA A 285 15.37 -9.08 -15.89
N GLY A 286 14.74 -8.02 -15.38
CA GLY A 286 15.29 -6.66 -15.63
C GLY A 286 16.59 -6.39 -14.90
N TYR A 287 16.81 -7.08 -13.77
CA TYR A 287 18.11 -7.04 -13.06
C TYR A 287 18.26 -8.35 -12.23
N ILE A 288 19.48 -8.57 -11.78
CA ILE A 288 19.79 -9.70 -10.89
C ILE A 288 20.54 -9.14 -9.67
N CYS A 289 20.00 -9.33 -8.45
CA CYS A 289 20.71 -8.78 -7.29
C CYS A 289 21.47 -9.94 -6.58
N SER A 290 22.35 -9.59 -5.66
CA SER A 290 23.30 -10.55 -5.14
C SER A 290 23.86 -10.03 -3.82
N ALA A 291 24.09 -10.94 -2.88
CA ALA A 291 24.93 -10.69 -1.71
C ALA A 291 26.26 -11.48 -1.84
N GLU A 292 27.37 -10.86 -1.41
CA GLU A 292 28.70 -11.41 -1.59
C GLU A 292 29.56 -11.17 -0.34
N ALA A 293 30.44 -12.11 -0.02
CA ALA A 293 30.46 -13.43 -0.69
C ALA A 293 29.67 -14.33 0.28
N PHE A 294 30.11 -15.58 0.52
CA PHE A 294 29.43 -16.47 1.52
C PHE A 294 29.27 -15.65 2.81
N HIS A 295 28.04 -15.45 3.25
CA HIS A 295 27.80 -14.70 4.51
C HIS A 295 28.40 -13.34 4.55
N GLY A 296 28.56 -12.69 3.39
CA GLY A 296 29.37 -11.44 3.38
C GLY A 296 28.51 -10.20 3.72
N ASN A 297 29.11 -9.04 3.44
CA ASN A 297 28.55 -7.75 3.75
C ASN A 297 28.34 -6.88 2.53
N THR A 298 28.59 -7.47 1.34
CA THR A 298 28.52 -6.73 0.08
C THR A 298 27.21 -7.00 -0.66
N VAL A 299 26.51 -5.94 -1.07
CA VAL A 299 25.25 -6.08 -1.90
C VAL A 299 25.61 -5.54 -3.29
N SER A 300 25.43 -6.36 -4.32
CA SER A 300 25.72 -5.86 -5.67
C SER A 300 24.51 -6.10 -6.57
N VAL A 301 24.46 -5.42 -7.72
CA VAL A 301 23.43 -5.75 -8.68
C VAL A 301 24.07 -5.98 -10.06
N TYR A 302 23.42 -6.83 -10.85
CA TYR A 302 23.85 -7.08 -12.25
C TYR A 302 22.82 -6.44 -13.21
N THR A 303 23.35 -5.66 -14.13
CA THR A 303 22.55 -4.89 -15.09
C THR A 303 22.94 -5.29 -16.52
N LYS A 304 21.98 -5.12 -17.42
CA LYS A 304 22.25 -5.33 -18.83
C LYS A 304 21.94 -4.03 -19.60
N PRO A 305 22.56 -3.84 -20.77
CA PRO A 305 22.31 -2.55 -21.51
C PRO A 305 20.87 -2.34 -22.01
N ALA A 306 20.48 -1.07 -22.11
CA ALA A 306 19.20 -0.65 -22.71
C ALA A 306 19.02 -1.38 -24.05
N GLY A 307 17.81 -1.87 -24.29
CA GLY A 307 17.51 -2.59 -25.52
C GLY A 307 18.08 -4.01 -25.57
N SER A 308 18.43 -4.60 -24.42
CA SER A 308 18.81 -6.02 -24.39
C SER A 308 17.54 -6.85 -24.59
N PRO A 309 17.67 -8.13 -25.04
CA PRO A 309 16.53 -9.04 -24.96
C PRO A 309 16.08 -9.16 -23.51
N THR A 310 14.83 -9.58 -23.34
CA THR A 310 14.29 -9.98 -22.04
C THR A 310 14.99 -11.25 -21.58
N GLY A 311 14.95 -11.47 -20.28
CA GLY A 311 15.41 -12.72 -19.70
C GLY A 311 16.92 -12.65 -19.39
N ILE A 312 17.57 -13.81 -19.23
CA ILE A 312 18.91 -13.86 -18.66
C ILE A 312 19.95 -14.22 -19.69
N VAL A 313 19.75 -15.34 -20.38
CA VAL A 313 20.81 -16.02 -21.15
C VAL A 313 21.20 -15.30 -22.45
N ARG A 314 20.32 -14.43 -22.96
CA ARG A 314 20.59 -13.71 -24.17
C ARG A 314 21.25 -12.36 -23.91
N ALA A 315 21.46 -11.99 -22.66
CA ALA A 315 21.99 -10.67 -22.31
C ALA A 315 23.41 -10.77 -21.77
N GLU A 316 24.15 -9.70 -21.91
CA GLU A 316 25.45 -9.57 -21.28
C GLU A 316 25.24 -8.77 -20.00
N TRP A 317 25.70 -9.32 -18.85
CA TRP A 317 25.51 -8.65 -17.55
C TRP A 317 26.77 -7.98 -16.99
N THR A 318 26.61 -6.95 -16.18
CA THR A 318 27.71 -6.18 -15.64
C THR A 318 27.43 -5.97 -14.17
N ARG A 319 28.46 -6.12 -13.33
CA ARG A 319 28.32 -6.07 -11.87
C ARG A 319 28.50 -4.64 -11.38
N HIS A 320 27.65 -4.21 -10.45
CA HIS A 320 27.81 -2.93 -9.75
C HIS A 320 27.62 -3.13 -8.25
N VAL A 321 28.64 -2.78 -7.46
CA VAL A 321 28.56 -2.85 -5.98
C VAL A 321 27.66 -1.71 -5.50
N LEU A 322 26.60 -2.04 -4.75
CA LEU A 322 25.78 -0.97 -4.15
C LEU A 322 26.19 -0.54 -2.74
N ASP A 323 26.54 -1.49 -1.88
CA ASP A 323 26.71 -1.24 -0.46
C ASP A 323 27.66 -2.27 0.08
N VAL A 324 28.52 -1.82 0.96
CA VAL A 324 29.36 -2.71 1.77
C VAL A 324 29.03 -2.36 3.24
N PHE A 325 28.37 -3.26 3.97
CA PHE A 325 27.91 -2.94 5.31
C PHE A 325 28.98 -3.02 6.38
N GLY A 326 30.25 -3.22 6.01
CA GLY A 326 31.36 -3.27 6.98
C GLY A 326 32.36 -4.43 6.76
N PRO A 327 33.46 -4.45 7.54
CA PRO A 327 34.50 -5.45 7.38
C PRO A 327 33.99 -6.83 7.88
N LEU A 328 34.65 -7.90 7.41
CA LEU A 328 34.41 -9.24 7.87
C LEU A 328 35.09 -9.45 9.22
N ASN A 329 34.63 -10.44 9.97
CA ASN A 329 35.32 -10.81 11.19
C ASN A 329 36.58 -11.69 10.97
N GLY A 330 37.12 -12.22 12.08
CA GLY A 330 38.34 -13.00 12.05
C GLY A 330 38.16 -14.22 11.16
N LYS A 331 36.94 -14.73 11.07
CA LYS A 331 36.65 -15.93 10.28
C LYS A 331 36.21 -15.65 8.83
N HIS A 332 36.35 -14.39 8.40
CA HIS A 332 36.08 -13.95 7.03
C HIS A 332 34.59 -13.97 6.72
N THR A 333 33.71 -13.82 7.74
CA THR A 333 32.28 -13.72 7.47
C THR A 333 31.68 -12.37 7.95
N GLY A 334 30.47 -12.07 7.46
CA GLY A 334 29.78 -10.78 7.69
C GLY A 334 28.33 -11.09 8.09
N SER A 335 27.36 -10.33 7.57
CA SER A 335 25.99 -10.36 8.12
C SER A 335 24.88 -10.68 7.15
N ILE A 336 25.14 -10.81 5.86
CA ILE A 336 24.06 -10.97 4.90
C ILE A 336 23.94 -12.41 4.58
N HIS A 337 22.74 -12.98 4.74
CA HIS A 337 22.56 -14.38 4.48
C HIS A 337 21.87 -14.72 3.18
N GLN A 338 21.01 -13.83 2.67
CA GLN A 338 20.11 -14.12 1.52
C GLN A 338 19.62 -12.83 0.86
N VAL A 339 19.31 -12.89 -0.45
CA VAL A 339 18.53 -11.81 -1.12
C VAL A 339 17.30 -12.48 -1.72
N VAL A 340 16.21 -11.74 -1.87
CA VAL A 340 14.98 -12.29 -2.51
C VAL A 340 14.40 -11.09 -3.27
N CYS A 341 13.72 -11.36 -4.36
CA CYS A 341 13.04 -10.35 -5.15
C CYS A 341 11.55 -10.58 -5.00
N ALA A 342 10.81 -9.48 -4.88
CA ALA A 342 9.34 -9.57 -4.76
C ALA A 342 8.80 -8.20 -5.07
N ASP A 343 7.57 -8.10 -5.56
CA ASP A 343 6.96 -6.78 -5.89
C ASP A 343 6.25 -6.21 -4.62
N ILE A 344 7.08 -5.71 -3.69
CA ILE A 344 6.63 -5.27 -2.37
C ILE A 344 5.61 -4.09 -2.46
N ASP A 345 5.80 -3.18 -3.42
CA ASP A 345 4.92 -1.99 -3.52
C ASP A 345 3.85 -2.14 -4.63
N GLY A 346 3.83 -3.27 -5.31
CA GLY A 346 2.76 -3.57 -6.31
C GLY A 346 2.79 -2.80 -7.63
N ASP A 347 3.95 -2.28 -7.99
CA ASP A 347 4.06 -1.40 -9.14
C ASP A 347 4.49 -2.18 -10.38
N GLY A 348 4.64 -3.49 -10.30
CA GLY A 348 5.07 -4.23 -11.52
C GLY A 348 6.59 -4.35 -11.67
N GLU A 349 7.34 -3.76 -10.75
CA GLU A 349 8.75 -3.99 -10.64
C GLU A 349 9.10 -4.62 -9.29
N ASP A 350 9.96 -5.64 -9.33
CA ASP A 350 10.44 -6.27 -8.10
C ASP A 350 11.38 -5.31 -7.35
N GLU A 351 11.12 -5.12 -6.08
CA GLU A 351 12.10 -4.64 -5.12
C GLU A 351 12.94 -5.89 -4.73
N PHE A 352 14.07 -5.70 -4.03
CA PHE A 352 14.72 -6.84 -3.40
C PHE A 352 14.97 -6.67 -1.91
N LEU A 353 14.96 -7.79 -1.19
CA LEU A 353 15.09 -7.76 0.25
C LEU A 353 16.40 -8.41 0.63
N VAL A 354 17.01 -7.85 1.64
CA VAL A 354 18.31 -8.37 2.08
C VAL A 354 18.21 -8.82 3.53
N ALA A 355 18.61 -10.08 3.78
CA ALA A 355 18.44 -10.71 5.06
C ALA A 355 19.70 -10.47 5.84
N MET A 356 19.60 -9.62 6.88
CA MET A 356 20.76 -9.27 7.72
C MET A 356 20.65 -10.01 9.08
N MET A 357 21.57 -10.96 9.29
CA MET A 357 21.58 -11.83 10.45
C MET A 357 21.83 -11.17 11.80
N GLY A 358 22.58 -10.07 11.77
CA GLY A 358 23.08 -9.39 12.96
C GLY A 358 24.59 -9.35 12.88
N ALA A 359 25.24 -8.74 13.88
CA ALA A 359 26.72 -8.68 13.91
C ALA A 359 27.14 -8.77 15.38
N ASP A 360 28.44 -8.96 15.59
CA ASP A 360 29.03 -8.87 16.89
C ASP A 360 30.33 -8.11 16.69
N PRO A 361 30.51 -6.93 17.34
CA PRO A 361 29.53 -6.23 18.16
C PRO A 361 28.28 -5.88 17.35
N PRO A 362 27.12 -5.75 18.04
CA PRO A 362 25.78 -5.52 17.49
C PRO A 362 25.77 -4.26 16.63
N ASP A 363 25.07 -4.29 15.50
CA ASP A 363 24.96 -3.11 14.69
C ASP A 363 23.58 -3.19 14.05
N PHE A 364 22.69 -2.23 14.34
CA PHE A 364 21.31 -2.30 13.75
C PHE A 364 21.35 -2.26 12.20
N GLN A 365 22.39 -1.62 11.65
CA GLN A 365 22.53 -1.56 10.21
C GLN A 365 22.68 -2.96 9.57
N ARG A 366 23.17 -3.90 10.37
CA ARG A 366 23.41 -5.26 9.87
C ARG A 366 22.48 -6.26 10.52
N THR A 367 21.30 -5.80 10.95
CA THR A 367 20.32 -6.70 11.59
C THR A 367 18.93 -6.39 11.04
N GLY A 368 18.26 -7.35 10.42
CA GLY A 368 16.84 -7.14 10.01
C GLY A 368 16.74 -7.33 8.49
N VAL A 369 15.90 -6.53 7.86
CA VAL A 369 15.67 -6.61 6.43
C VAL A 369 15.76 -5.24 5.81
N TRP A 370 16.58 -5.10 4.76
CA TRP A 370 16.62 -3.87 3.94
C TRP A 370 15.85 -4.14 2.68
N CYS A 371 15.03 -3.16 2.26
CA CYS A 371 14.29 -3.24 1.03
C CYS A 371 14.87 -2.21 0.01
N TYR A 372 15.48 -2.75 -1.07
CA TYR A 372 16.02 -1.97 -2.18
C TYR A 372 15.02 -1.83 -3.29
N LYS A 373 14.90 -0.60 -3.78
CA LYS A 373 13.89 -0.20 -4.77
C LYS A 373 14.61 0.46 -5.96
N LEU A 374 14.33 -0.04 -7.16
CA LEU A 374 14.87 0.56 -8.38
C LEU A 374 14.12 1.87 -8.60
N VAL A 375 14.81 2.99 -8.46
CA VAL A 375 14.16 4.33 -8.54
C VAL A 375 14.38 5.01 -9.91
N ASP A 376 15.33 4.48 -10.67
CA ASP A 376 15.64 5.04 -12.01
C ASP A 376 16.00 3.89 -12.97
N ARG A 377 15.04 3.52 -13.82
CA ARG A 377 15.18 2.42 -14.80
C ARG A 377 16.29 2.72 -15.76
N THR A 378 16.54 4.00 -16.02
CA THR A 378 17.49 4.39 -17.02
C THR A 378 18.93 4.19 -16.56
N ASN A 379 19.26 4.73 -15.38
CA ASN A 379 20.60 4.60 -14.84
C ASN A 379 20.76 3.41 -13.86
N MET A 380 19.68 2.63 -13.70
CA MET A 380 19.63 1.52 -12.73
C MET A 380 20.12 1.92 -11.32
N LYS A 381 19.57 3.02 -10.78
CA LYS A 381 19.84 3.48 -9.42
C LYS A 381 18.77 2.96 -8.45
N PHE A 382 19.24 2.53 -7.28
CA PHE A 382 18.40 1.94 -6.23
C PHE A 382 18.43 2.79 -5.00
N SER A 383 17.34 2.82 -4.24
CA SER A 383 17.41 3.38 -2.89
C SER A 383 17.12 2.21 -1.98
N LYS A 384 17.37 2.34 -0.69
CA LYS A 384 17.05 1.29 0.28
C LYS A 384 16.29 1.87 1.48
N THR A 385 15.44 1.05 2.10
CA THR A 385 14.63 1.44 3.27
C THR A 385 14.64 0.26 4.22
N LYS A 386 14.79 0.55 5.50
CA LYS A 386 14.83 -0.48 6.51
C LYS A 386 13.38 -0.90 6.76
N VAL A 387 13.08 -2.19 6.64
CA VAL A 387 11.72 -2.62 6.99
C VAL A 387 11.63 -3.51 8.26
N SER A 388 12.72 -4.03 8.77
CA SER A 388 12.66 -4.77 10.05
C SER A 388 14.06 -4.57 10.63
N SER A 389 14.16 -4.58 11.95
CA SER A 389 15.47 -4.48 12.61
C SER A 389 15.70 -5.60 13.62
N VAL A 390 15.06 -6.75 13.39
CA VAL A 390 15.40 -7.98 14.16
C VAL A 390 16.00 -9.02 13.19
N SER A 391 17.00 -9.77 13.66
CA SER A 391 17.74 -10.77 12.88
C SER A 391 16.88 -11.46 11.81
N ALA A 392 17.35 -11.45 10.57
CA ALA A 392 16.72 -12.33 9.56
C ALA A 392 17.83 -13.22 9.01
N GLY A 393 17.83 -14.49 9.43
CA GLY A 393 18.65 -15.50 8.70
C GLY A 393 18.00 -15.98 7.36
N ARG A 394 16.69 -15.80 7.23
CA ARG A 394 16.00 -16.12 5.98
C ARG A 394 14.71 -15.37 5.93
N ILE A 395 14.27 -15.11 4.69
CA ILE A 395 13.07 -14.34 4.40
C ILE A 395 12.14 -15.22 3.55
N ALA A 396 10.84 -15.24 3.84
CA ALA A 396 9.87 -15.84 2.94
C ALA A 396 8.86 -14.75 2.53
N THR A 397 8.45 -14.71 1.25
CA THR A 397 7.43 -13.75 0.89
C THR A 397 6.15 -14.46 0.42
N ALA A 398 5.01 -13.90 0.74
CA ALA A 398 3.73 -14.45 0.29
C ALA A 398 2.68 -13.49 0.75
N ASN A 399 1.44 -13.62 0.29
CA ASN A 399 0.30 -13.01 0.97
C ASN A 399 -0.22 -13.92 2.06
N PHE A 400 0.17 -13.61 3.30
CA PHE A 400 -0.16 -14.41 4.48
C PHE A 400 -1.51 -14.04 5.06
N HIS A 401 -2.12 -12.96 4.59
CA HIS A 401 -3.33 -12.51 5.25
C HIS A 401 -4.60 -12.27 4.44
N SER A 402 -4.57 -12.29 3.11
CA SER A 402 -5.78 -12.00 2.32
C SER A 402 -5.55 -12.63 0.98
N GLN A 403 -6.49 -12.35 0.07
CA GLN A 403 -6.48 -12.89 -1.28
C GLN A 403 -5.78 -11.97 -2.31
N GLY A 404 -5.48 -10.74 -1.93
CA GLY A 404 -4.96 -9.74 -2.85
C GLY A 404 -3.52 -9.97 -3.28
N SER A 405 -3.01 -9.08 -4.11
CA SER A 405 -1.59 -9.20 -4.57
C SER A 405 -0.61 -8.53 -3.66
N GLU A 406 -1.04 -8.12 -2.47
CA GLU A 406 0.01 -7.73 -1.52
C GLU A 406 1.00 -8.86 -1.15
N VAL A 407 2.21 -8.42 -0.79
CA VAL A 407 3.34 -9.27 -0.47
C VAL A 407 3.74 -8.97 1.00
N ASP A 408 3.51 -9.96 1.86
CA ASP A 408 3.96 -9.91 3.25
C ASP A 408 5.38 -10.51 3.36
N ILE A 409 6.05 -10.21 4.46
CA ILE A 409 7.41 -10.73 4.63
C ILE A 409 7.50 -11.59 5.91
N ALA A 410 7.97 -12.83 5.82
CA ALA A 410 8.18 -13.60 7.06
C ALA A 410 9.69 -13.72 7.28
N THR A 411 10.17 -13.66 8.52
CA THR A 411 11.58 -13.87 8.76
C THR A 411 11.77 -14.84 9.92
N ILE A 412 12.94 -15.46 9.99
CA ILE A 412 13.35 -16.18 11.18
C ILE A 412 14.71 -15.62 11.61
N SER A 413 14.95 -15.45 12.91
CA SER A 413 16.30 -15.02 13.34
C SER A 413 17.37 -16.05 12.96
N TYR A 414 18.60 -15.57 12.73
CA TYR A 414 19.66 -16.47 12.47
C TYR A 414 20.26 -16.76 13.87
N SER A 415 20.18 -18.02 14.32
CA SER A 415 20.75 -18.34 15.60
C SER A 415 21.21 -19.75 15.57
N VAL A 416 22.52 -19.90 15.63
CA VAL A 416 23.13 -21.20 15.75
CA VAL A 416 23.12 -21.20 15.76
C VAL A 416 23.92 -21.25 17.08
N PRO A 417 23.37 -21.97 18.09
CA PRO A 417 24.12 -22.04 19.37
C PRO A 417 25.66 -22.39 19.21
N GLY A 418 26.47 -21.79 20.09
CA GLY A 418 27.93 -21.92 20.07
C GLY A 418 28.61 -21.45 18.80
N TYR A 419 27.87 -20.74 17.93
CA TYR A 419 28.48 -20.13 16.74
C TYR A 419 28.11 -18.64 16.57
N PHE A 420 26.94 -18.31 15.99
CA PHE A 420 26.38 -16.94 16.00
C PHE A 420 24.92 -16.99 16.44
N GLU A 421 24.66 -16.47 17.63
CA GLU A 421 23.37 -16.61 18.25
C GLU A 421 22.75 -15.23 18.34
N SER A 422 21.51 -15.08 17.89
CA SER A 422 20.78 -13.84 18.12
C SER A 422 19.96 -14.01 19.37
N PRO A 423 19.79 -12.92 20.12
CA PRO A 423 18.92 -12.95 21.29
C PRO A 423 17.47 -13.25 20.89
N ASN A 424 16.67 -13.91 21.74
CA ASN A 424 15.24 -14.27 21.48
C ASN A 424 15.01 -14.74 20.05
N PRO A 425 15.57 -15.91 19.65
CA PRO A 425 15.30 -16.29 18.24
C PRO A 425 13.80 -16.50 17.98
N SER A 426 13.30 -15.93 16.88
CA SER A 426 11.88 -15.95 16.66
C SER A 426 11.53 -15.96 15.16
N ILE A 427 10.31 -16.38 14.88
CA ILE A 427 9.73 -16.24 13.55
C ILE A 427 8.77 -15.03 13.62
N ASN A 428 8.89 -14.09 12.70
CA ASN A 428 8.00 -12.90 12.67
C ASN A 428 7.35 -12.79 11.32
N VAL A 429 6.24 -12.08 11.22
CA VAL A 429 5.68 -11.82 9.91
C VAL A 429 5.32 -10.32 9.92
N PHE A 430 5.56 -9.65 8.80
CA PHE A 430 5.23 -8.24 8.59
C PHE A 430 4.15 -8.17 7.54
N LEU A 431 2.92 -7.82 7.96
CA LEU A 431 1.74 -7.88 7.11
C LEU A 431 1.52 -6.54 6.37
N SER A 432 1.67 -6.60 5.04
CA SER A 432 1.54 -5.44 4.14
C SER A 432 0.17 -4.88 4.26
N THR A 433 0.10 -3.58 4.54
CA THR A 433 -1.20 -2.92 4.65
C THR A 433 -1.13 -1.40 4.36
N GLY A 434 -2.26 -0.88 3.89
CA GLY A 434 -2.46 0.59 3.71
C GLY A 434 -3.04 1.25 5.00
N ILE A 435 -3.31 0.46 6.05
CA ILE A 435 -4.02 0.94 7.27
C ILE A 435 -3.45 0.23 8.49
N LEU A 436 -3.02 0.99 9.52
CA LEU A 436 -2.51 0.38 10.77
C LEU A 436 -3.46 0.96 11.78
N ALA A 437 -3.82 0.12 12.75
CA ALA A 437 -4.73 0.56 13.78
C ALA A 437 -4.04 0.53 15.12
N GLU A 438 -4.31 1.52 15.95
CA GLU A 438 -3.71 1.63 17.24
C GLU A 438 -4.65 2.31 18.25
N ARG A 439 -4.62 1.82 19.51
CA ARG A 439 -5.51 2.33 20.54
C ARG A 439 -4.99 3.67 21.01
N LEU A 440 -5.89 4.65 21.13
CA LEU A 440 -5.49 5.86 21.85
C LEU A 440 -5.89 5.64 23.30
N ASP A 441 -7.10 6.01 23.67
CA ASP A 441 -7.59 5.63 24.97
C ASP A 441 -8.95 4.94 24.76
N GLU A 442 -9.98 5.73 24.56
CA GLU A 442 -11.30 5.17 24.18
C GLU A 442 -11.51 5.13 22.67
N GLU A 443 -10.70 5.90 21.94
CA GLU A 443 -10.76 5.89 20.46
C GLU A 443 -9.57 5.14 19.79
N VAL A 444 -9.71 4.88 18.49
CA VAL A 444 -8.70 4.21 17.70
C VAL A 444 -8.10 5.19 16.70
N MET A 445 -6.76 5.23 16.63
CA MET A 445 -6.02 5.92 15.57
C MET A 445 -5.86 4.99 14.37
N LEU A 446 -6.34 5.38 13.19
CA LEU A 446 -6.21 4.55 11.99
C LEU A 446 -5.19 5.30 11.14
N ARG A 447 -3.96 4.78 11.04
CA ARG A 447 -2.96 5.45 10.16
C ARG A 447 -3.05 4.91 8.73
N VAL A 448 -3.15 5.82 7.75
CA VAL A 448 -3.35 5.39 6.35
C VAL A 448 -2.24 5.90 5.41
N VAL A 449 -1.96 5.12 4.36
CA VAL A 449 -0.98 5.56 3.35
C VAL A 449 -1.69 6.65 2.52
N ARG A 450 -0.93 7.48 1.86
CA ARG A 450 -1.51 8.39 0.85
C ARG A 450 -2.12 7.54 -0.28
N ALA A 451 -3.33 7.83 -0.72
CA ALA A 451 -3.95 6.96 -1.75
C ALA A 451 -3.25 7.10 -3.14
N GLY A 452 -2.72 8.29 -3.43
CA GLY A 452 -2.12 8.61 -4.74
C GLY A 452 -0.88 7.75 -5.03
N SER A 453 -0.19 7.31 -3.98
CA SER A 453 1.05 6.61 -4.25
C SER A 453 1.03 5.11 -3.83
N THR A 454 -0.10 4.61 -3.40
CA THR A 454 -0.19 3.17 -3.14
C THR A 454 -0.68 2.47 -4.41
N ARG A 455 -0.30 1.21 -4.58
N ARG A 455 -0.32 1.20 -4.56
CA ARG A 455 -0.81 0.41 -5.67
CA ARG A 455 -0.85 0.40 -5.66
C ARG A 455 -1.71 -0.73 -5.13
C ARG A 455 -1.73 -0.73 -5.13
N PHE A 456 -2.03 -0.72 -3.83
CA PHE A 456 -2.89 -1.76 -3.25
C PHE A 456 -4.24 -1.21 -2.74
N LYS A 457 -5.34 -1.97 -2.95
CA LYS A 457 -6.59 -1.75 -2.21
CA LYS A 457 -6.59 -1.75 -2.21
C LYS A 457 -6.40 -2.31 -0.80
N THR A 458 -6.73 -1.54 0.23
CA THR A 458 -6.81 -2.11 1.58
C THR A 458 -8.24 -1.87 2.16
N GLU A 459 -8.82 -2.88 2.79
CA GLU A 459 -10.10 -2.72 3.48
C GLU A 459 -9.95 -3.22 4.90
N MET A 460 -10.44 -2.43 5.84
CA MET A 460 -10.46 -2.88 7.22
C MET A 460 -11.84 -2.61 7.82
N GLU A 461 -12.59 -3.69 8.15
CA GLU A 461 -13.83 -3.49 8.90
C GLU A 461 -13.49 -3.01 10.30
N PHE A 462 -14.31 -2.08 10.83
CA PHE A 462 -14.03 -1.58 12.18
C PHE A 462 -15.24 -1.62 13.10
N LEU A 463 -16.45 -1.35 12.58
CA LEU A 463 -17.58 -1.22 13.52
C LEU A 463 -18.90 -1.74 12.93
N ASP A 464 -19.59 -2.63 13.64
CA ASP A 464 -20.86 -3.23 13.17
C ASP A 464 -21.89 -2.43 13.92
N VAL A 465 -22.59 -1.55 13.25
CA VAL A 465 -23.56 -0.66 13.92
C VAL A 465 -24.73 -0.29 12.99
N ALA A 466 -25.94 -0.35 13.55
CA ALA A 466 -27.13 0.13 12.87
C ALA A 466 -27.28 -0.53 11.52
N GLY A 467 -26.96 -1.81 11.45
CA GLY A 467 -27.28 -2.63 10.24
C GLY A 467 -26.20 -2.56 9.17
N LYS A 468 -25.03 -2.00 9.53
CA LYS A 468 -23.94 -1.78 8.56
C LYS A 468 -22.61 -2.20 9.15
N LYS A 469 -21.72 -2.73 8.30
CA LYS A 469 -20.35 -2.93 8.69
C LYS A 469 -19.57 -1.76 8.14
N LEU A 470 -19.18 -0.88 9.05
CA LEU A 470 -18.49 0.26 8.62
C LEU A 470 -17.06 -0.18 8.34
N THR A 471 -16.55 0.17 7.15
CA THR A 471 -15.23 -0.34 6.70
C THR A 471 -14.33 0.77 6.19
N LEU A 472 -13.09 0.83 6.63
CA LEU A 472 -12.19 1.90 6.11
C LEU A 472 -11.51 1.32 4.87
N VAL A 473 -11.50 2.10 3.76
CA VAL A 473 -11.10 1.54 2.46
C VAL A 473 -10.17 2.49 1.82
N VAL A 474 -8.99 2.01 1.53
CA VAL A 474 -7.97 2.82 0.78
C VAL A 474 -7.91 2.27 -0.63
N LEU A 475 -8.11 3.13 -1.64
CA LEU A 475 -8.06 2.70 -3.03
C LEU A 475 -6.92 3.40 -3.78
N PRO A 476 -6.08 2.66 -4.52
CA PRO A 476 -5.07 3.31 -5.36
C PRO A 476 -5.74 4.02 -6.53
N PRO A 477 -4.97 4.85 -7.28
CA PRO A 477 -5.58 5.51 -8.47
C PRO A 477 -6.28 4.57 -9.45
N PHE A 478 -7.46 4.97 -9.94
CA PHE A 478 -8.19 4.21 -11.00
C PHE A 478 -8.44 2.74 -10.61
N ALA A 479 -8.69 2.50 -9.32
CA ALA A 479 -8.92 1.14 -8.85
C ALA A 479 -10.43 0.85 -8.70
N ARG A 480 -10.78 -0.42 -8.82
CA ARG A 480 -12.18 -0.84 -8.72
C ARG A 480 -12.55 -1.42 -7.36
N LEU A 481 -13.79 -1.12 -6.88
CA LEU A 481 -14.30 -1.75 -5.70
C LEU A 481 -15.65 -2.33 -6.05
N ASP A 482 -15.79 -3.67 -6.01
CA ASP A 482 -17.10 -4.32 -6.22
C ASP A 482 -17.97 -4.08 -5.02
N VAL A 483 -19.26 -3.85 -5.24
CA VAL A 483 -20.19 -3.53 -4.16
C VAL A 483 -21.48 -4.26 -4.45
N GLU A 484 -22.39 -4.22 -3.47
CA GLU A 484 -23.74 -4.75 -3.64
C GLU A 484 -24.65 -3.63 -4.18
N ARG A 485 -25.00 -3.74 -5.46
CA ARG A 485 -25.68 -2.65 -6.08
C ARG A 485 -26.97 -2.26 -5.28
N ASN A 486 -27.23 -0.94 -5.16
CA ASN A 486 -28.38 -0.40 -4.47
C ASN A 486 -28.45 -0.70 -2.97
N VAL A 487 -27.36 -1.20 -2.40
CA VAL A 487 -27.32 -1.59 -1.00
C VAL A 487 -26.10 -0.97 -0.30
N SER A 488 -24.90 -1.27 -0.79
CA SER A 488 -23.69 -0.66 -0.27
C SER A 488 -23.73 0.89 -0.35
N GLY A 489 -23.17 1.53 0.67
CA GLY A 489 -23.09 2.98 0.71
C GLY A 489 -21.61 3.36 0.85
N VAL A 490 -21.25 4.56 0.39
CA VAL A 490 -19.89 5.05 0.55
C VAL A 490 -19.92 6.50 0.99
N LYS A 491 -18.95 6.89 1.84
CA LYS A 491 -18.76 8.30 2.13
C LYS A 491 -17.25 8.57 1.95
N VAL A 492 -16.89 9.44 1.00
CA VAL A 492 -15.45 9.67 0.66
C VAL A 492 -14.85 10.63 1.67
N MET A 493 -13.64 10.35 2.12
CA MET A 493 -12.92 11.30 2.97
C MET A 493 -11.71 11.96 2.29
N ALA A 494 -11.07 11.27 1.35
CA ALA A 494 -10.06 11.89 0.50
C ALA A 494 -10.16 11.39 -0.94
N GLY A 495 -9.74 12.21 -1.92
CA GLY A 495 -9.83 11.89 -3.31
C GLY A 495 -11.26 11.79 -3.82
N THR A 496 -11.48 10.87 -4.78
CA THR A 496 -12.77 10.82 -5.49
C THR A 496 -13.13 9.40 -5.89
N VAL A 497 -14.41 9.09 -5.94
CA VAL A 497 -14.78 7.82 -6.61
C VAL A 497 -15.92 8.11 -7.48
N CYS A 498 -16.19 7.23 -8.42
N CYS A 498 -16.16 7.17 -8.39
CA CYS A 498 -17.40 7.40 -9.18
CA CYS A 498 -17.24 7.29 -9.36
C CYS A 498 -17.92 6.08 -9.67
C CYS A 498 -17.93 5.99 -9.65
N TRP A 499 -19.19 6.07 -10.07
CA TRP A 499 -19.83 4.92 -10.65
C TRP A 499 -20.74 5.40 -11.72
N ALA A 500 -21.18 4.47 -12.55
CA ALA A 500 -22.03 4.83 -13.64
C ALA A 500 -23.34 4.03 -13.57
N ASP A 501 -24.42 4.66 -13.98
CA ASP A 501 -25.69 3.96 -14.17
C ASP A 501 -26.39 4.61 -15.35
N GLU A 502 -27.68 4.36 -15.52
CA GLU A 502 -28.37 4.85 -16.71
C GLU A 502 -28.45 6.39 -16.86
N ASN A 503 -28.25 7.11 -15.75
CA ASN A 503 -28.27 8.57 -15.77
C ASN A 503 -26.86 9.12 -15.86
N GLY A 504 -25.88 8.28 -16.22
CA GLY A 504 -24.49 8.70 -16.44
C GLY A 504 -23.60 8.48 -15.21
N LYS A 505 -22.59 9.34 -15.08
CA LYS A 505 -21.54 9.22 -14.07
C LYS A 505 -22.00 9.91 -12.80
N HIS A 506 -21.72 9.31 -11.65
CA HIS A 506 -21.94 9.92 -10.32
C HIS A 506 -20.63 9.99 -9.67
N GLU A 507 -20.31 11.09 -9.03
CA GLU A 507 -19.00 11.26 -8.41
C GLU A 507 -19.25 11.59 -6.95
N ARG A 508 -18.37 11.12 -6.07
CA ARG A 508 -18.46 11.50 -4.68
C ARG A 508 -17.09 11.94 -4.23
N VAL A 509 -17.11 12.97 -3.36
CA VAL A 509 -15.91 13.64 -2.86
C VAL A 509 -16.17 13.93 -1.35
N PRO A 510 -15.16 14.47 -0.63
CA PRO A 510 -15.37 14.69 0.81
C PRO A 510 -16.61 15.55 1.16
N ALA A 511 -16.93 16.57 0.34
CA ALA A 511 -18.17 17.31 0.59
C ALA A 511 -18.88 17.69 -0.67
N THR A 512 -20.18 17.38 -0.75
CA THR A 512 -20.97 17.83 -1.86
C THR A 512 -21.19 19.35 -1.77
N ARG A 513 -22.04 19.91 -2.62
CA ARG A 513 -22.31 21.35 -2.61
C ARG A 513 -22.91 21.89 -1.28
N PRO A 514 -22.49 23.09 -0.88
CA PRO A 514 -23.08 23.76 0.28
C PRO A 514 -24.62 23.56 0.35
N PHE A 515 -25.15 23.13 1.52
CA PHE A 515 -26.61 23.03 1.75
C PHE A 515 -27.26 21.95 0.86
N GLY A 516 -26.43 21.14 0.21
CA GLY A 516 -26.93 20.07 -0.63
C GLY A 516 -27.10 18.73 0.11
N CYS A 517 -27.60 17.73 -0.62
CA CYS A 517 -27.85 16.42 -0.04
C CYS A 517 -27.61 15.39 -1.17
N GLU A 518 -26.93 14.30 -0.88
CA GLU A 518 -26.71 13.23 -1.88
CA GLU A 518 -26.67 13.24 -1.87
C GLU A 518 -26.84 11.87 -1.23
N SER A 519 -27.36 10.92 -1.99
CA SER A 519 -27.42 9.57 -1.50
C SER A 519 -25.98 8.94 -1.44
N MET A 520 -25.71 8.18 -0.39
CA MET A 520 -24.49 7.41 -0.31
C MET A 520 -24.56 6.06 -1.03
N ILE A 521 -25.75 5.63 -1.39
CA ILE A 521 -25.95 4.32 -1.99
C ILE A 521 -25.34 4.22 -3.39
N VAL A 522 -24.56 3.17 -3.66
CA VAL A 522 -24.02 2.95 -5.01
C VAL A 522 -25.07 2.20 -5.85
N SER A 523 -25.58 2.82 -6.92
CA SER A 523 -26.57 2.10 -7.73
C SER A 523 -25.91 1.05 -8.71
N ALA A 524 -24.61 1.01 -8.83
CA ALA A 524 -23.92 0.11 -9.76
C ALA A 524 -23.31 -1.13 -8.99
N ASP A 525 -22.80 -2.10 -9.76
CA ASP A 525 -22.10 -3.22 -9.17
C ASP A 525 -20.67 -2.89 -8.72
N TYR A 526 -20.11 -1.76 -9.13
CA TYR A 526 -18.75 -1.41 -8.69
C TYR A 526 -18.59 0.10 -8.84
N LEU A 527 -17.60 0.61 -8.13
CA LEU A 527 -17.20 1.97 -8.39
C LEU A 527 -15.69 1.99 -8.65
N GLU A 528 -15.15 3.15 -9.03
CA GLU A 528 -13.70 3.26 -9.30
C GLU A 528 -13.19 4.53 -8.68
N SER A 529 -11.96 4.52 -8.16
CA SER A 529 -11.35 5.76 -7.74
C SER A 529 -10.83 6.57 -8.96
N GLY A 530 -10.67 7.87 -8.78
CA GLY A 530 -10.12 8.73 -9.79
C GLY A 530 -8.60 8.75 -9.67
N GLU A 531 -7.99 9.71 -10.33
CA GLU A 531 -6.53 9.78 -10.45
C GLU A 531 -5.69 9.90 -9.14
N GLU A 532 -6.30 10.43 -8.08
CA GLU A 532 -5.62 10.56 -6.78
C GLU A 532 -5.93 9.40 -5.84
N GLY A 533 -6.64 8.39 -6.34
CA GLY A 533 -7.15 7.31 -5.51
C GLY A 533 -8.26 7.87 -4.64
N ALA A 534 -8.59 7.14 -3.58
CA ALA A 534 -9.60 7.56 -2.63
C ALA A 534 -9.37 6.91 -1.28
N ILE A 535 -9.88 7.58 -0.25
CA ILE A 535 -10.02 6.95 1.05
C ILE A 535 -11.48 7.15 1.49
N LEU A 536 -12.09 6.08 1.90
CA LEU A 536 -13.55 6.21 2.16
C LEU A 536 -14.04 5.29 3.28
N VAL A 537 -15.26 5.55 3.78
CA VAL A 537 -15.93 4.59 4.63
C VAL A 537 -16.96 3.85 3.78
N LEU A 538 -16.86 2.52 3.77
CA LEU A 538 -17.77 1.78 2.97
C LEU A 538 -18.82 1.25 3.98
N TYR A 539 -20.10 1.36 3.67
CA TYR A 539 -21.08 0.86 4.63
C TYR A 539 -21.60 -0.44 4.05
N LYS A 540 -21.08 -1.57 4.49
CA LYS A 540 -21.56 -2.86 3.94
C LYS A 540 -22.84 -3.21 4.65
N PRO A 541 -23.73 -3.98 3.99
CA PRO A 541 -24.90 -4.40 4.72
C PRO A 541 -24.50 -5.41 5.82
N SER A 542 -25.22 -5.44 6.93
CA SER A 542 -24.89 -6.36 7.99
C SER A 542 -26.11 -7.12 8.45
N SER A 543 -25.95 -8.38 8.86
CA SER A 543 -27.14 -9.00 9.46
C SER A 543 -26.93 -9.18 10.98
N THR A 544 -25.85 -8.62 11.54
CA THR A 544 -25.51 -8.85 12.95
C THR A 544 -25.45 -7.55 13.79
N SER A 545 -26.09 -6.46 13.33
CA SER A 545 -26.18 -5.25 14.18
C SER A 545 -27.55 -4.59 14.08
N GLY A 546 -28.59 -5.42 14.03
CA GLY A 546 -29.96 -4.91 14.07
C GLY A 546 -30.51 -4.40 12.75
N ARG A 547 -31.76 -4.01 12.74
CA ARG A 547 -32.42 -3.51 11.53
C ARG A 547 -33.39 -2.38 11.96
N PRO A 548 -33.62 -1.38 11.10
CA PRO A 548 -34.53 -0.27 11.44
C PRO A 548 -35.99 -0.69 11.32
N PRO A 549 -36.94 0.01 11.98
CA PRO A 549 -36.71 1.15 12.90
C PRO A 549 -35.95 0.70 14.19
N PHE A 550 -34.96 1.50 14.60
CA PHE A 550 -34.34 1.26 15.92
C PHE A 550 -35.16 1.88 17.05
N ARG A 551 -35.83 1.02 17.83
CA ARG A 551 -36.72 1.49 18.86
C ARG A 551 -36.07 1.70 20.23
N SER A 552 -34.83 1.25 20.42
CA SER A 552 -34.14 1.52 21.68
C SER A 552 -32.66 1.51 21.42
N MET A 553 -31.89 2.05 22.35
CA MET A 553 -30.43 2.01 22.21
C MET A 553 -29.91 0.55 22.38
N ASP A 554 -30.68 -0.29 23.06
CA ASP A 554 -30.35 -1.73 23.15
C ASP A 554 -30.26 -2.38 21.80
N GLU A 555 -31.18 -2.01 20.90
CA GLU A 555 -31.20 -2.54 19.51
C GLU A 555 -30.03 -2.03 18.68
N LEU A 556 -29.32 -1.05 19.23
CA LEU A 556 -28.24 -0.36 18.53
C LEU A 556 -26.82 -0.67 19.06
N VAL A 557 -26.70 -1.69 19.88
CA VAL A 557 -25.40 -2.14 20.34
C VAL A 557 -24.47 -2.37 19.16
N ALA A 558 -23.25 -1.85 19.28
CA ALA A 558 -22.30 -1.85 18.20
C ALA A 558 -21.24 -2.93 18.48
N HIS A 559 -20.70 -3.57 17.44
CA HIS A 559 -19.69 -4.61 17.66
C HIS A 559 -18.40 -4.28 16.98
N ASN A 560 -17.30 -4.46 17.72
CA ASN A 560 -15.94 -4.30 17.21
C ASN A 560 -15.68 -5.36 16.09
N LEU A 561 -15.23 -4.91 14.93
CA LEU A 561 -15.08 -5.78 13.74
C LEU A 561 -13.59 -5.84 13.32
N PHE A 562 -12.63 -5.24 14.06
CA PHE A 562 -11.27 -5.22 13.60
C PHE A 562 -10.82 -6.61 13.31
N PRO A 563 -10.06 -6.81 12.21
CA PRO A 563 -9.60 -8.16 11.85
C PRO A 563 -8.60 -8.71 12.85
N ALA A 564 -8.38 -10.02 12.82
CA ALA A 564 -7.60 -10.70 13.82
C ALA A 564 -6.12 -10.27 13.82
N TYR A 565 -5.60 -9.72 12.70
CA TYR A 565 -4.15 -9.29 12.67
C TYR A 565 -3.84 -7.87 13.25
N VAL A 566 -4.87 -7.15 13.70
CA VAL A 566 -4.68 -5.86 14.33
C VAL A 566 -4.21 -6.10 15.80
N PRO A 567 -3.55 -5.12 16.46
CA PRO A 567 -3.17 -5.43 17.88
C PRO A 567 -4.34 -5.84 18.80
N ASP A 568 -4.01 -6.74 19.74
CA ASP A 568 -4.93 -7.24 20.75
C ASP A 568 -5.59 -6.10 21.50
N SER A 569 -4.82 -5.07 21.83
CA SER A 569 -5.41 -3.93 22.56
C SER A 569 -6.55 -3.22 21.79
N VAL A 570 -6.50 -3.24 20.45
CA VAL A 570 -7.57 -2.68 19.59
C VAL A 570 -8.70 -3.73 19.48
N ARG A 571 -8.37 -5.00 19.23
CA ARG A 571 -9.42 -6.07 19.19
C ARG A 571 -10.28 -6.15 20.47
N ALA A 572 -9.68 -5.87 21.63
CA ALA A 572 -10.37 -5.97 22.93
C ALA A 572 -11.29 -4.77 23.19
N MET A 573 -11.18 -3.71 22.39
CA MET A 573 -11.97 -2.48 22.67
C MET A 573 -13.48 -2.71 22.42
N LYS A 574 -14.28 -2.11 23.31
CA LYS A 574 -15.71 -1.95 23.06
C LYS A 574 -16.05 -0.50 22.72
N PHE A 575 -17.17 -0.32 22.07
CA PHE A 575 -17.61 1.03 21.64
C PHE A 575 -19.04 1.20 22.15
N PRO A 576 -19.22 1.57 23.44
CA PRO A 576 -20.61 1.67 23.94
C PRO A 576 -21.21 3.01 23.42
N TRP A 577 -22.54 3.04 23.28
CA TRP A 577 -23.35 4.25 23.17
C TRP A 577 -23.44 4.81 24.57
N VAL A 578 -23.19 6.10 24.68
CA VAL A 578 -23.21 6.79 25.98
C VAL A 578 -24.19 7.89 25.82
N ARG A 579 -25.13 7.99 26.74
CA ARG A 579 -26.00 9.18 26.74
C ARG A 579 -25.21 10.48 26.80
N CYS A 580 -25.55 11.45 25.95
CA CYS A 580 -24.68 12.62 25.88
C CYS A 580 -24.57 13.39 27.22
N ALA A 581 -25.67 13.42 27.99
CA ALA A 581 -25.65 13.94 29.38
C ALA A 581 -24.49 13.35 30.24
N ASP A 582 -24.07 12.11 29.94
CA ASP A 582 -23.08 11.41 30.74
C ASP A 582 -21.66 11.60 30.19
N ARG A 583 -21.49 12.32 29.08
CA ARG A 583 -20.15 12.48 28.56
C ARG A 583 -19.42 13.56 29.37
N PRO A 584 -18.08 13.48 29.42
CA PRO A 584 -17.36 14.50 30.23
C PRO A 584 -17.54 15.92 29.68
N TRP A 585 -17.90 16.07 28.40
CA TRP A 585 -18.10 17.42 27.85
C TRP A 585 -19.48 17.99 28.02
N ALA A 586 -20.43 17.23 28.59
CA ALA A 586 -21.82 17.73 28.76
C ALA A 586 -21.87 18.92 29.67
N HIS A 587 -21.13 18.88 30.77
CA HIS A 587 -21.18 19.97 31.73
C HIS A 587 -22.62 20.32 32.17
N GLY A 588 -23.39 19.29 32.58
CA GLY A 588 -24.74 19.51 33.07
C GLY A 588 -25.81 19.66 32.01
N ARG A 589 -25.44 19.69 30.73
CA ARG A 589 -26.43 19.78 29.64
C ARG A 589 -27.03 18.43 29.19
N PHE A 590 -28.13 18.51 28.42
CA PHE A 590 -28.77 17.35 27.77
C PHE A 590 -29.36 16.36 28.73
N LYS A 591 -29.64 16.77 29.96
CA LYS A 591 -30.15 15.82 30.92
C LYS A 591 -31.54 15.34 30.49
N ASP A 592 -31.81 14.06 30.68
CA ASP A 592 -33.09 13.48 30.29
C ASP A 592 -33.37 13.64 28.78
N LEU A 593 -32.36 13.73 27.91
CA LEU A 593 -32.64 13.63 26.48
C LEU A 593 -32.23 12.27 25.95
N ASP A 594 -33.09 11.66 25.12
CA ASP A 594 -32.63 10.52 24.30
C ASP A 594 -31.68 10.91 23.15
N PHE A 595 -30.46 11.23 23.55
CA PHE A 595 -29.44 11.79 22.67
C PHE A 595 -28.16 11.05 23.11
N PHE A 596 -27.50 10.35 22.18
CA PHE A 596 -26.43 9.38 22.52
C PHE A 596 -25.25 9.60 21.59
N ASN A 597 -24.07 9.18 22.04
CA ASN A 597 -22.83 9.42 21.30
C ASN A 597 -21.96 8.14 21.41
N LEU A 598 -21.34 7.76 20.30
CA LEU A 598 -20.39 6.66 20.25
C LEU A 598 -19.06 7.17 19.68
N ILE A 599 -17.94 6.92 20.37
CA ILE A 599 -16.61 7.33 19.88
C ILE A 599 -15.72 6.08 19.75
N GLY A 600 -14.76 6.03 18.84
CA GLY A 600 -14.51 7.06 17.83
C GLY A 600 -13.16 6.73 17.12
N PHE A 601 -12.90 7.38 16.00
CA PHE A 601 -11.93 6.90 15.08
C PHE A 601 -11.25 8.10 14.45
N HIS A 602 -9.94 8.20 14.64
CA HIS A 602 -9.13 9.20 13.96
C HIS A 602 -8.56 8.59 12.73
N VAL A 603 -8.54 9.33 11.64
CA VAL A 603 -7.87 8.87 10.44
C VAL A 603 -6.76 9.88 10.15
N ASN A 604 -5.54 9.40 10.25
CA ASN A 604 -4.43 10.25 9.97
C ASN A 604 -3.51 9.62 8.96
N PHE A 605 -2.80 10.45 8.17
CA PHE A 605 -1.79 9.92 7.28
C PHE A 605 -0.60 9.34 8.06
N ALA A 606 -0.09 8.20 7.55
CA ALA A 606 0.94 7.42 8.25
C ALA A 606 2.34 7.94 7.90
N ASP A 607 2.44 8.81 6.89
CA ASP A 607 3.74 9.36 6.45
C ASP A 607 4.30 10.41 7.43
N ASP A 608 5.41 11.10 7.09
CA ASP A 608 6.05 12.00 8.01
C ASP A 608 5.26 13.29 8.26
N SER A 609 4.12 13.47 7.58
CA SER A 609 3.30 14.63 7.88
C SER A 609 2.47 14.31 9.12
N ALA A 610 2.11 13.03 9.30
CA ALA A 610 1.16 12.60 10.35
C ALA A 610 -0.19 13.37 10.30
N ALA A 611 -0.58 13.86 9.13
CA ALA A 611 -1.62 14.89 9.06
C ALA A 611 -2.96 14.22 9.30
N VAL A 612 -3.85 14.99 9.95
CA VAL A 612 -5.23 14.62 10.13
C VAL A 612 -5.91 14.47 8.77
N LEU A 613 -6.72 13.43 8.63
CA LEU A 613 -7.60 13.33 7.48
C LEU A 613 -9.00 13.63 7.97
N ALA A 614 -9.49 12.85 8.93
CA ALA A 614 -10.81 13.09 9.50
C ALA A 614 -10.91 12.50 10.88
N HIS A 615 -11.80 13.08 11.71
CA HIS A 615 -12.20 12.39 12.90
C HIS A 615 -13.64 11.93 12.71
N VAL A 616 -13.99 10.73 13.24
CA VAL A 616 -15.30 10.13 12.98
C VAL A 616 -15.92 9.73 14.32
N GLN A 617 -17.16 10.16 14.54
CA GLN A 617 -17.88 9.65 15.68
C GLN A 617 -19.35 9.55 15.27
N LEU A 618 -20.14 8.88 16.10
CA LEU A 618 -21.55 8.61 15.79
C LEU A 618 -22.48 9.17 16.84
N TRP A 619 -23.77 9.29 16.46
CA TRP A 619 -24.76 9.97 17.26
C TRP A 619 -26.09 9.34 17.02
N THR A 620 -27.01 9.49 17.97
CA THR A 620 -28.45 9.14 17.77
C THR A 620 -29.34 10.17 18.45
N ALA A 621 -30.60 10.26 18.00
CA ALA A 621 -31.60 11.17 18.56
C ALA A 621 -32.99 10.53 18.43
N GLY A 622 -33.67 10.32 19.57
CA GLY A 622 -35.05 9.84 19.57
C GLY A 622 -36.03 10.87 19.04
N ILE A 623 -37.27 10.48 18.83
CA ILE A 623 -38.25 11.34 18.19
C ILE A 623 -38.41 12.64 19.00
N GLY A 624 -38.45 13.80 18.32
CA GLY A 624 -38.68 15.05 19.02
C GLY A 624 -37.40 15.61 19.70
N VAL A 625 -36.25 14.94 19.56
CA VAL A 625 -35.02 15.34 20.24
C VAL A 625 -34.18 16.24 19.34
N SER A 626 -33.63 17.28 19.93
CA SER A 626 -32.73 18.17 19.24
C SER A 626 -31.34 17.98 19.83
N ALA A 627 -30.33 17.87 18.98
CA ALA A 627 -28.96 17.75 19.51
C ALA A 627 -28.39 19.05 20.01
N GLY A 628 -29.15 20.13 19.88
CA GLY A 628 -28.76 21.43 20.38
C GLY A 628 -27.99 22.29 19.37
N PHE A 629 -28.46 23.55 19.23
CA PHE A 629 -27.79 24.53 18.35
C PHE A 629 -26.39 24.93 18.83
N HIS A 630 -25.41 24.95 17.92
CA HIS A 630 -24.01 25.26 18.31
C HIS A 630 -23.38 25.78 17.05
N ASN A 631 -22.12 26.20 17.16
CA ASN A 631 -21.44 26.89 16.05
C ASN A 631 -19.95 26.63 15.97
N HIS A 632 -19.41 25.70 16.77
CA HIS A 632 -17.97 25.28 16.64
C HIS A 632 -16.97 26.38 16.85
N VAL A 633 -17.27 27.31 17.76
CA VAL A 633 -16.24 28.28 18.17
C VAL A 633 -15.17 27.65 19.06
N GLU A 634 -15.52 26.50 19.65
CA GLU A 634 -14.64 25.75 20.58
C GLU A 634 -13.49 25.00 19.91
N ALA A 635 -13.72 24.43 18.74
CA ALA A 635 -12.65 23.69 18.00
C ALA A 635 -12.90 23.85 16.51
N SER A 636 -11.84 24.01 15.77
CA SER A 636 -11.98 24.25 14.35
C SER A 636 -12.11 23.02 13.48
N PHE A 637 -13.20 22.89 12.72
CA PHE A 637 -13.18 21.85 11.69
C PHE A 637 -14.35 22.01 10.68
N CYS A 638 -14.29 21.32 9.55
CA CYS A 638 -15.37 21.38 8.51
C CYS A 638 -16.07 20.08 8.61
N GLU A 639 -17.32 20.11 9.05
CA GLU A 639 -18.03 18.86 9.32
C GLU A 639 -19.07 18.49 8.29
N ILE A 640 -19.16 17.19 8.05
CA ILE A 640 -20.20 16.62 7.17
C ILE A 640 -20.88 15.52 7.95
N HIS A 641 -22.19 15.42 7.86
CA HIS A 641 -22.87 14.30 8.50
C HIS A 641 -23.46 13.40 7.45
N ALA A 642 -23.38 12.10 7.69
CA ALA A 642 -24.03 11.06 6.91
C ALA A 642 -25.09 10.38 7.80
N CYS A 643 -26.33 10.39 7.36
CA CYS A 643 -27.36 9.73 8.14
C CYS A 643 -27.39 8.24 7.77
N ILE A 644 -27.28 7.34 8.76
CA ILE A 644 -27.48 5.92 8.50
C ILE A 644 -28.98 5.58 8.48
N ALA A 645 -29.70 6.00 9.52
CA ALA A 645 -31.09 5.62 9.70
C ALA A 645 -31.78 6.92 10.12
N ASN A 646 -32.90 7.21 9.45
CA ASN A 646 -33.72 8.37 9.81
C ASN A 646 -35.00 7.88 10.50
N GLY A 647 -35.14 8.21 11.78
CA GLY A 647 -36.19 7.67 12.62
C GLY A 647 -37.58 7.90 12.07
N THR A 648 -37.91 9.14 11.76
CA THR A 648 -39.26 9.46 11.29
C THR A 648 -39.33 9.72 9.76
N GLY A 649 -38.19 9.81 9.09
CA GLY A 649 -38.14 10.35 7.74
C GLY A 649 -37.97 11.88 7.73
N ARG A 650 -38.10 12.53 8.88
CA ARG A 650 -38.11 13.98 8.88
C ARG A 650 -36.88 14.54 9.61
N GLY A 651 -36.00 13.64 10.06
CA GLY A 651 -34.81 14.04 10.85
C GLY A 651 -33.83 14.78 9.95
N GLY A 652 -32.99 15.67 10.51
CA GLY A 652 -32.10 16.43 9.63
C GLY A 652 -31.45 17.64 10.29
N MET A 653 -30.81 18.47 9.44
CA MET A 653 -30.05 19.65 9.88
C MET A 653 -30.84 20.92 9.68
N ARG A 654 -30.85 21.75 10.72
CA ARG A 654 -31.36 23.12 10.63
C ARG A 654 -30.19 24.08 10.86
N TRP A 655 -30.23 25.22 10.17
CA TRP A 655 -29.24 26.27 10.41
C TRP A 655 -29.98 27.59 10.45
N ALA A 656 -29.52 28.52 11.29
CA ALA A 656 -30.15 29.83 11.41
C ALA A 656 -29.83 30.66 10.17
N THR A 657 -30.84 31.35 9.66
CA THR A 657 -30.65 32.24 8.50
C THR A 657 -30.60 33.71 8.90
N VAL A 658 -30.53 33.98 10.20
CA VAL A 658 -30.40 35.34 10.75
C VAL A 658 -29.00 35.53 11.35
N PRO A 659 -28.59 36.77 11.61
CA PRO A 659 -27.27 36.97 12.28
C PRO A 659 -27.19 36.19 13.63
N ASP A 660 -25.96 35.76 13.96
CA ASP A 660 -25.66 35.05 15.22
C ASP A 660 -26.27 35.74 16.43
N ALA A 661 -26.15 37.07 16.48
CA ALA A 661 -26.72 37.88 17.56
C ALA A 661 -28.26 37.80 17.65
N ASN A 662 -28.93 37.33 16.60
CA ASN A 662 -30.40 37.45 16.54
C ASN A 662 -31.14 36.16 16.79
N PHE A 663 -30.45 35.12 17.23
CA PHE A 663 -31.00 33.78 17.38
C PHE A 663 -30.59 33.29 18.78
N ASN A 664 -31.52 32.64 19.49
CA ASN A 664 -31.26 32.11 20.81
C ASN A 664 -31.16 30.59 20.77
N PRO A 665 -29.93 30.02 20.78
CA PRO A 665 -29.81 28.56 20.70
C PRO A 665 -30.47 27.83 21.88
N ASP A 666 -30.67 28.54 22.99
CA ASP A 666 -31.33 27.96 24.17
C ASP A 666 -32.84 27.92 24.06
N SER A 667 -33.41 28.77 23.23
CA SER A 667 -34.83 28.73 23.06
C SER A 667 -35.03 29.13 21.61
N PRO A 668 -34.73 28.19 20.67
CA PRO A 668 -34.62 28.55 19.25
C PRO A 668 -35.92 28.92 18.58
N ASN A 669 -35.93 29.99 17.80
CA ASN A 669 -37.08 30.27 16.94
C ASN A 669 -36.89 29.55 15.60
N LEU A 670 -37.66 28.49 15.38
CA LEU A 670 -37.41 27.62 14.22
C LEU A 670 -37.85 28.27 12.92
N GLU A 671 -38.61 29.38 13.02
CA GLU A 671 -38.91 30.19 11.82
C GLU A 671 -37.72 30.90 11.20
N ASP A 672 -36.68 31.15 12.02
CA ASP A 672 -35.45 31.79 11.57
C ASP A 672 -34.40 30.70 11.20
N THR A 673 -34.88 29.53 10.80
CA THR A 673 -34.04 28.46 10.32
C THR A 673 -34.56 27.83 9.06
N GLU A 674 -33.66 27.20 8.34
CA GLU A 674 -34.05 26.34 7.25
C GLU A 674 -33.67 24.90 7.64
N LEU A 675 -34.39 23.94 7.08
CA LEU A 675 -34.29 22.50 7.35
C LEU A 675 -33.79 21.80 6.10
N ILE A 676 -32.74 20.97 6.22
CA ILE A 676 -32.33 20.02 5.17
C ILE A 676 -32.58 18.68 5.86
N VAL A 677 -33.63 17.97 5.46
CA VAL A 677 -33.88 16.58 5.82
C VAL A 677 -32.76 15.70 5.23
N VAL A 678 -32.21 14.77 6.03
CA VAL A 678 -31.10 13.91 5.56
C VAL A 678 -31.66 12.49 5.64
N PRO A 679 -32.25 11.96 4.52
CA PRO A 679 -32.89 10.64 4.62
C PRO A 679 -31.89 9.51 4.90
N ASP A 680 -32.42 8.32 5.13
CA ASP A 680 -31.56 7.13 5.26
C ASP A 680 -30.42 7.13 4.25
N MET A 681 -29.20 6.88 4.74
CA MET A 681 -28.02 6.65 3.83
C MET A 681 -27.80 7.84 2.87
N HIS A 682 -27.95 9.04 3.41
CA HIS A 682 -27.61 10.25 2.67
C HIS A 682 -26.61 11.05 3.42
N GLU A 683 -25.88 11.89 2.72
CA GLU A 683 -24.97 12.81 3.40
C GLU A 683 -25.38 14.25 2.98
N HIS A 684 -25.19 15.24 3.87
CA HIS A 684 -25.62 16.63 3.50
C HIS A 684 -24.37 17.42 3.16
N GLY A 685 -24.47 18.54 2.42
CA GLY A 685 -23.27 19.37 2.17
C GLY A 685 -22.92 20.44 3.21
N PRO A 686 -21.82 21.17 3.01
CA PRO A 686 -21.35 22.09 4.06
C PRO A 686 -22.42 23.11 4.48
N LEU A 687 -22.45 23.41 5.79
CA LEU A 687 -23.32 24.46 6.30
C LEU A 687 -22.47 25.60 6.85
N TRP A 688 -21.14 25.42 6.86
CA TRP A 688 -20.32 26.57 7.33
C TRP A 688 -20.31 27.72 6.35
N ARG A 689 -19.89 28.90 6.84
CA ARG A 689 -19.84 30.09 5.96
C ARG A 689 -18.66 30.07 5.00
N THR A 690 -18.88 30.46 3.74
CA THR A 690 -17.78 30.36 2.76
C THR A 690 -17.73 31.66 1.98
N ARG A 691 -16.57 31.94 1.40
CA ARG A 691 -16.43 32.98 0.40
C ARG A 691 -16.98 32.49 -0.91
N PRO A 692 -17.20 33.42 -1.87
CA PRO A 692 -17.76 33.08 -3.17
C PRO A 692 -17.06 31.91 -3.92
N ASP A 693 -15.74 31.82 -3.80
CA ASP A 693 -14.99 30.71 -4.43
C ASP A 693 -14.75 29.51 -3.52
N GLY A 694 -15.50 29.39 -2.40
CA GLY A 694 -15.42 28.18 -1.58
C GLY A 694 -14.47 28.13 -0.38
N HIS A 695 -13.57 29.10 -0.23
CA HIS A 695 -12.73 29.17 0.96
C HIS A 695 -13.58 29.47 2.20
N PRO A 696 -13.25 28.82 3.35
CA PRO A 696 -14.07 28.95 4.56
C PRO A 696 -13.89 30.29 5.22
N LEU A 697 -14.98 30.88 5.72
CA LEU A 697 -14.79 32.06 6.55
C LEU A 697 -14.19 31.64 7.88
N LEU A 698 -13.41 32.51 8.49
CA LEU A 698 -12.64 32.16 9.69
C LEU A 698 -12.92 33.16 10.79
N ARG A 699 -13.03 32.71 12.02
CA ARG A 699 -13.25 33.66 13.13
C ARG A 699 -11.89 34.10 13.59
N MET A 700 -11.86 35.17 14.38
CA MET A 700 -10.65 35.71 14.98
C MET A 700 -9.75 34.71 15.78
N ASN A 701 -10.37 33.65 16.32
CA ASN A 701 -9.64 32.58 17.07
C ASN A 701 -9.31 31.42 16.15
N ASP A 702 -9.29 31.67 14.83
CA ASP A 702 -8.97 30.58 13.86
C ASP A 702 -9.90 29.39 13.91
N THR A 703 -11.21 29.65 13.94
CA THR A 703 -12.16 28.58 13.86
C THR A 703 -13.02 28.78 12.59
N ILE A 704 -13.37 27.68 11.95
CA ILE A 704 -14.28 27.77 10.79
C ILE A 704 -15.61 28.39 11.33
N ASP A 705 -16.09 29.44 10.68
CA ASP A 705 -17.31 30.18 11.09
C ASP A 705 -18.57 29.44 10.59
N TYR A 706 -19.49 29.09 11.51
CA TYR A 706 -20.76 28.45 11.18
C TYR A 706 -21.86 29.32 11.67
N PRO A 707 -22.99 29.36 10.92
CA PRO A 707 -24.21 29.86 11.54
C PRO A 707 -24.63 28.85 12.62
N TRP A 708 -25.50 29.26 13.56
CA TRP A 708 -26.05 28.34 14.53
C TRP A 708 -26.72 27.22 13.75
N HIS A 709 -26.53 25.97 14.19
CA HIS A 709 -27.07 24.80 13.45
C HIS A 709 -27.16 23.60 14.41
N ALA A 710 -27.97 22.59 14.04
CA ALA A 710 -28.17 21.44 14.91
C ALA A 710 -28.77 20.35 14.08
N TRP A 711 -28.54 19.08 14.46
CA TRP A 711 -29.39 17.97 14.01
C TRP A 711 -30.60 18.01 14.92
N LEU A 712 -31.82 17.92 14.34
CA LEU A 712 -33.05 17.71 15.09
C LEU A 712 -33.78 16.51 14.44
N ALA A 713 -34.28 15.63 15.29
CA ALA A 713 -35.04 14.48 14.91
C ALA A 713 -36.38 15.01 14.40
N GLY A 714 -37.13 14.21 13.66
CA GLY A 714 -38.47 14.58 13.29
C GLY A 714 -39.24 14.83 14.57
N ALA A 715 -40.22 15.71 14.51
CA ALA A 715 -41.00 16.09 15.68
C ALA A 715 -42.14 15.08 15.95
N GLY A 716 -42.75 15.20 17.13
CA GLY A 716 -43.70 14.21 17.61
C GLY A 716 -43.30 13.58 18.95
N ASN A 717 -44.07 12.54 19.27
CA ASN A 717 -44.06 11.79 20.52
C ASN A 717 -43.43 10.43 20.32
N PRO A 718 -42.44 10.04 21.17
CA PRO A 718 -41.72 8.78 20.94
C PRO A 718 -42.55 7.52 21.26
N SER A 719 -43.75 7.40 20.70
CA SER A 719 -44.55 6.19 20.86
C SER A 719 -45.19 5.78 19.53
N PRO A 720 -44.52 4.87 18.81
CA PRO A 720 -43.34 4.21 19.35
C PRO A 720 -42.01 4.93 18.97
N GLN A 721 -40.96 4.67 19.74
CA GLN A 721 -39.66 5.25 19.48
C GLN A 721 -39.03 4.81 18.13
N ALA A 722 -38.24 5.71 17.55
CA ALA A 722 -37.49 5.47 16.30
C ALA A 722 -36.31 6.43 16.25
N PHE A 723 -35.10 5.90 16.45
CA PHE A 723 -33.90 6.76 16.53
C PHE A 723 -33.35 7.13 15.19
N ASP A 724 -33.03 8.42 15.00
CA ASP A 724 -32.00 8.85 14.01
C ASP A 724 -30.65 8.34 14.41
N VAL A 725 -29.88 7.85 13.43
CA VAL A 725 -28.49 7.47 13.66
C VAL A 725 -27.60 8.13 12.59
N TRP A 726 -26.56 8.85 12.97
CA TRP A 726 -25.75 9.55 11.97
C TRP A 726 -24.31 9.58 12.34
N VAL A 727 -23.46 9.83 11.33
CA VAL A 727 -22.05 9.77 11.47
C VAL A 727 -21.51 11.19 11.28
N ALA A 728 -20.72 11.69 12.22
CA ALA A 728 -20.00 12.95 11.99
C ALA A 728 -18.59 12.72 11.40
N PHE A 729 -18.27 13.44 10.34
CA PHE A 729 -16.95 13.48 9.71
C PHE A 729 -16.42 14.90 9.88
N GLU A 730 -15.34 15.03 10.65
CA GLU A 730 -14.77 16.33 10.98
C GLU A 730 -13.47 16.42 10.25
N PHE A 731 -13.46 17.29 9.24
CA PHE A 731 -12.30 17.46 8.40
C PHE A 731 -11.54 18.72 8.82
N PRO A 732 -10.21 18.73 8.57
CA PRO A 732 -9.54 20.02 8.62
C PRO A 732 -10.07 20.93 7.51
N GLY A 733 -9.87 22.25 7.66
CA GLY A 733 -10.30 23.27 6.64
C GLY A 733 -9.89 22.95 5.17
N PHE A 734 -10.83 23.10 4.25
CA PHE A 734 -10.61 22.94 2.80
C PHE A 734 -11.55 23.86 1.99
N GLU A 735 -11.19 24.12 0.73
CA GLU A 735 -12.05 24.92 -0.17
C GLU A 735 -13.14 24.00 -0.70
N THR A 736 -14.40 24.45 -0.65
CA THR A 736 -15.47 23.65 -1.19
C THR A 736 -15.96 24.36 -2.47
N PHE A 737 -17.16 23.97 -2.91
CA PHE A 737 -17.80 24.56 -4.09
C PHE A 737 -18.19 26.05 -3.96
N SER A 738 -18.49 26.62 -5.10
CA SER A 738 -18.67 28.06 -5.26
C SER A 738 -20.12 28.50 -5.18
N THR A 739 -20.31 29.75 -4.75
CA THR A 739 -21.65 30.33 -4.60
C THR A 739 -21.79 31.60 -5.47
N PRO A 740 -22.73 31.63 -6.43
CA PRO A 740 -23.61 30.54 -6.85
C PRO A 740 -22.78 29.60 -7.76
N PRO A 741 -23.28 28.37 -8.04
CA PRO A 741 -22.48 27.48 -8.91
C PRO A 741 -22.32 28.10 -10.32
N PRO A 742 -21.07 28.24 -10.84
CA PRO A 742 -20.80 28.81 -12.19
C PRO A 742 -21.20 27.77 -13.28
N PRO A 743 -21.47 28.20 -14.54
CA PRO A 743 -21.75 27.16 -15.56
C PRO A 743 -20.49 26.40 -15.92
N ARG A 744 -20.68 25.15 -16.35
CA ARG A 744 -19.53 24.33 -16.77
C ARG A 744 -19.17 24.67 -18.21
N VAL A 745 -17.96 25.12 -18.46
CA VAL A 745 -17.66 25.63 -19.80
C VAL A 745 -16.38 25.04 -20.37
N LEU A 746 -15.68 24.23 -19.56
CA LEU A 746 -14.37 23.74 -19.95
C LEU A 746 -14.18 22.27 -19.61
N GLU A 747 -13.89 21.44 -20.61
CA GLU A 747 -13.54 20.04 -20.31
C GLU A 747 -12.06 19.96 -19.91
N PRO A 748 -11.71 19.26 -18.79
CA PRO A 748 -10.28 19.12 -18.45
C PRO A 748 -9.58 18.34 -19.56
N GLY A 749 -8.26 18.52 -19.69
CA GLY A 749 -7.48 17.87 -20.75
C GLY A 749 -6.21 18.63 -20.96
N ARG A 750 -5.56 18.35 -22.09
CA ARG A 750 -4.24 18.88 -22.40
C ARG A 750 -4.38 19.84 -23.56
N TYR A 751 -3.91 21.08 -23.33
CA TYR A 751 -4.11 22.18 -24.28
C TYR A 751 -2.86 23.04 -24.42
N ALA A 752 -2.70 23.62 -25.61
CA ALA A 752 -1.93 24.85 -25.79
C ALA A 752 -2.86 26.04 -25.44
N ILE A 753 -2.29 27.09 -24.83
CA ILE A 753 -3.11 28.15 -24.25
C ILE A 753 -2.64 29.41 -24.95
N ARG A 754 -3.48 29.93 -25.85
CA ARG A 754 -3.01 30.98 -26.75
C ARG A 754 -3.75 32.29 -26.60
N PHE A 755 -3.01 33.38 -26.76
CA PHE A 755 -3.57 34.72 -26.70
C PHE A 755 -3.42 35.33 -28.05
N GLY A 756 -4.42 36.09 -28.48
CA GLY A 756 -4.22 36.98 -29.63
C GLY A 756 -5.08 36.63 -30.82
N ASP A 757 -4.95 37.43 -31.87
CA ASP A 757 -5.72 37.22 -33.10
C ASP A 757 -5.33 36.01 -33.91
N PRO A 758 -6.27 35.53 -34.76
CA PRO A 758 -5.91 34.52 -35.76
C PRO A 758 -4.64 34.99 -36.49
N HIS A 759 -4.44 36.31 -36.48
CA HIS A 759 -3.37 37.01 -37.23
C HIS A 759 -1.99 36.89 -36.60
N GLN A 760 -1.90 37.03 -35.26
CA GLN A 760 -0.65 36.70 -34.55
C GLN A 760 -0.78 36.44 -33.05
N THR A 761 -0.54 35.19 -32.67
CA THR A 761 -0.73 34.74 -31.30
C THR A 761 0.58 34.66 -30.50
N ALA A 762 0.43 34.59 -29.19
CA ALA A 762 1.49 34.17 -28.30
C ALA A 762 0.91 33.02 -27.48
N SER A 763 1.72 32.05 -27.12
CA SER A 763 1.15 31.02 -26.26
C SER A 763 1.83 30.94 -24.90
N LEU A 764 1.04 30.55 -23.90
CA LEU A 764 1.53 30.38 -22.54
C LEU A 764 2.71 29.44 -22.45
N ALA A 765 3.75 29.87 -21.73
CA ALA A 765 4.98 29.07 -21.66
C ALA A 765 5.63 29.14 -20.29
N LEU A 766 6.25 28.03 -19.91
CA LEU A 766 7.08 28.02 -18.73
C LEU A 766 8.47 28.34 -19.25
N GLN A 767 9.08 29.42 -18.78
CA GLN A 767 10.41 29.80 -19.23
C GLN A 767 11.41 28.63 -19.31
N LYS A 768 11.89 28.36 -20.54
CA LYS A 768 12.88 27.28 -20.80
C LYS A 768 12.45 25.94 -20.31
N ASN A 769 11.16 25.71 -20.17
CA ASN A 769 10.70 24.45 -19.62
C ASN A 769 11.29 24.08 -18.24
N ASP A 770 11.61 25.09 -17.43
CA ASP A 770 12.38 24.89 -16.20
C ASP A 770 11.43 24.50 -15.04
N ALA A 771 11.66 23.31 -14.47
CA ALA A 771 10.86 22.78 -13.37
C ALA A 771 11.11 23.50 -12.01
N THR A 772 12.12 24.36 -11.92
CA THR A 772 12.45 25.09 -10.68
C THR A 772 11.29 25.96 -10.19
N ASP A 773 10.98 25.88 -8.88
CA ASP A 773 9.98 26.77 -8.24
C ASP A 773 10.30 28.24 -8.58
N GLY A 774 9.31 28.99 -9.03
CA GLY A 774 9.58 30.39 -9.27
C GLY A 774 9.97 30.73 -10.68
N THR A 775 10.06 29.73 -11.56
CA THR A 775 10.36 29.96 -12.99
C THR A 775 9.24 30.82 -13.59
N PRO A 776 9.60 31.92 -14.27
CA PRO A 776 8.54 32.78 -14.85
C PRO A 776 7.63 32.04 -15.84
N VAL A 777 6.35 32.38 -15.80
CA VAL A 777 5.45 31.98 -16.84
C VAL A 777 5.37 33.21 -17.79
N LEU A 778 5.34 32.96 -19.11
CA LEU A 778 5.40 34.00 -20.14
C LEU A 778 4.45 33.67 -21.26
N ALA A 779 4.22 34.60 -22.18
CA ALA A 779 3.54 34.27 -23.41
C ALA A 779 4.58 34.43 -24.56
N LEU A 780 4.89 33.34 -25.27
CA LEU A 780 5.92 33.35 -26.34
C LEU A 780 5.25 33.58 -27.68
N LEU A 781 5.75 34.57 -28.45
CA LEU A 781 5.26 34.81 -29.79
C LEU A 781 5.37 33.55 -30.61
N ASP A 782 4.24 33.09 -31.15
CA ASP A 782 4.16 31.95 -32.05
C ASP A 782 4.72 32.39 -33.41
N LEU A 783 5.73 31.69 -33.91
CA LEU A 783 6.41 32.08 -35.16
C LEU A 783 6.53 30.92 -36.14
N ASP A 784 6.67 31.27 -37.43
CA ASP A 784 6.91 30.30 -38.50
C ASP A 784 8.22 29.53 -38.25
N GLY A 785 9.32 30.27 -38.00
CA GLY A 785 10.58 29.68 -37.46
C GLY A 785 10.30 28.57 -36.42
N GLY A 786 9.24 28.76 -35.63
CA GLY A 786 8.36 27.66 -35.23
C GLY A 786 8.61 26.71 -34.08
N PRO A 787 9.34 27.13 -33.01
CA PRO A 787 9.25 26.31 -31.82
C PRO A 787 7.76 26.29 -31.42
N SER A 788 7.15 25.10 -31.33
CA SER A 788 5.68 25.02 -31.20
C SER A 788 5.14 25.13 -29.74
N PRO A 789 3.82 25.31 -29.58
CA PRO A 789 3.34 25.76 -28.26
C PRO A 789 3.53 24.73 -27.14
N GLN A 790 3.91 25.19 -25.94
CA GLN A 790 4.04 24.30 -24.79
C GLN A 790 2.65 23.78 -24.38
N ALA A 791 2.56 22.50 -24.03
CA ALA A 791 1.26 21.88 -23.62
C ALA A 791 1.03 22.02 -22.11
N TRP A 792 -0.24 22.28 -21.72
CA TRP A 792 -0.67 22.40 -20.31
C TRP A 792 -1.77 21.47 -20.00
N ASN A 793 -1.67 20.81 -18.83
CA ASN A 793 -2.77 19.97 -18.40
C ASN A 793 -3.68 20.76 -17.54
N ILE A 794 -4.95 20.79 -17.94
CA ILE A 794 -5.95 21.55 -17.19
C ILE A 794 -6.85 20.55 -16.53
N SER A 795 -6.97 20.62 -15.22
CA SER A 795 -7.75 19.61 -14.49
C SER A 795 -8.72 20.30 -13.55
N HIS A 796 -9.86 19.65 -13.33
CA HIS A 796 -10.83 20.16 -12.39
C HIS A 796 -10.28 19.85 -10.99
N VAL A 797 -10.38 20.77 -10.02
CA VAL A 797 -9.99 20.43 -8.63
C VAL A 797 -11.19 19.79 -7.95
N PRO A 798 -11.07 18.52 -7.47
CA PRO A 798 -12.29 17.82 -7.04
C PRO A 798 -12.92 18.53 -5.84
N GLY A 799 -14.21 18.49 -5.73
CA GLY A 799 -14.90 19.16 -4.61
C GLY A 799 -15.00 20.69 -4.70
N THR A 800 -14.54 21.28 -5.82
CA THR A 800 -14.61 22.73 -6.02
C THR A 800 -15.20 23.03 -7.40
N ASP A 801 -15.42 24.31 -7.67
CA ASP A 801 -15.66 24.75 -9.06
C ASP A 801 -14.40 25.40 -9.66
N MET A 802 -13.23 25.01 -9.17
CA MET A 802 -11.96 25.62 -9.64
C MET A 802 -11.13 24.69 -10.54
N TYR A 803 -10.20 25.26 -11.30
CA TYR A 803 -9.33 24.51 -12.11
C TYR A 803 -7.88 24.81 -11.78
N GLU A 804 -7.01 23.86 -12.07
CA GLU A 804 -5.54 24.13 -12.05
C GLU A 804 -4.94 23.93 -13.44
N ILE A 805 -3.78 24.57 -13.66
CA ILE A 805 -3.05 24.54 -14.93
C ILE A 805 -1.65 24.12 -14.62
N ALA A 806 -1.31 22.93 -15.11
CA ALA A 806 -0.05 22.30 -14.80
C ALA A 806 0.66 22.05 -16.12
N HIS A 807 1.95 22.43 -16.13
CA HIS A 807 2.77 22.29 -17.28
C HIS A 807 2.89 20.81 -17.59
N ALA A 808 2.67 20.40 -18.84
CA ALA A 808 2.61 18.97 -19.15
C ALA A 808 3.97 18.31 -19.00
N LYS A 809 5.06 19.02 -19.29
CA LYS A 809 6.33 18.37 -19.16
C LYS A 809 6.77 18.31 -17.66
N THR A 810 6.79 19.43 -16.96
CA THR A 810 7.40 19.45 -15.61
C THR A 810 6.43 19.27 -14.44
N GLY A 811 5.13 19.27 -14.71
CA GLY A 811 4.11 19.32 -13.65
C GLY A 811 3.95 20.69 -12.93
N SER A 812 4.78 21.69 -13.23
CA SER A 812 4.68 22.99 -12.52
C SER A 812 3.28 23.62 -12.64
N LEU A 813 2.74 24.03 -11.49
CA LEU A 813 1.45 24.75 -11.46
C LEU A 813 1.62 26.21 -11.81
N VAL A 814 0.68 26.73 -12.60
CA VAL A 814 0.61 28.18 -12.90
C VAL A 814 0.15 28.89 -11.63
N CYS A 815 0.98 29.80 -11.14
CA CYS A 815 0.74 30.37 -9.79
C CYS A 815 1.07 31.86 -9.77
N ALA A 816 0.18 32.72 -9.27
CA ALA A 816 0.61 34.09 -8.95
C ALA A 816 1.62 34.07 -7.80
N ARG A 817 2.66 34.88 -7.94
CA ARG A 817 3.55 35.14 -6.81
C ARG A 817 2.79 35.85 -5.70
N TRP A 818 3.36 35.73 -4.50
CA TRP A 818 2.76 36.33 -3.33
C TRP A 818 3.18 37.76 -3.23
N PRO A 819 2.23 38.68 -2.97
CA PRO A 819 0.78 38.53 -2.79
C PRO A 819 0.02 38.63 -4.10
N PRO A 820 -1.21 38.05 -4.17
CA PRO A 820 -1.94 38.21 -5.44
C PRO A 820 -2.54 39.64 -5.52
N VAL A 821 -1.85 40.55 -6.21
CA VAL A 821 -2.32 41.93 -6.40
C VAL A 821 -2.21 42.25 -7.91
N LYS A 822 -2.92 43.29 -8.31
CA LYS A 822 -2.83 43.80 -9.65
C LYS A 822 -1.37 43.90 -10.13
N ASN A 823 -1.08 43.38 -11.34
CA ASN A 823 0.27 43.38 -11.96
C ASN A 823 1.26 42.38 -11.36
N GLN A 824 0.78 41.54 -10.44
CA GLN A 824 1.65 40.53 -9.84
C GLN A 824 2.15 39.54 -10.94
N ARG A 825 3.42 39.18 -10.89
CA ARG A 825 4.00 38.15 -11.78
C ARG A 825 3.50 36.71 -11.55
N VAL A 826 3.51 35.93 -12.62
CA VAL A 826 3.08 34.53 -12.57
C VAL A 826 4.30 33.64 -12.84
N ALA A 827 4.39 32.54 -12.09
CA ALA A 827 5.54 31.63 -12.08
C ALA A 827 5.04 30.19 -12.03
N GLY A 828 5.93 29.23 -12.35
CA GLY A 828 5.66 27.80 -12.15
C GLY A 828 6.09 27.38 -10.74
N THR A 829 5.34 26.50 -10.12
CA THR A 829 5.62 26.03 -8.75
C THR A 829 5.09 24.63 -8.49
N HIS A 830 5.80 23.92 -7.62
CA HIS A 830 5.33 22.68 -7.02
C HIS A 830 5.05 22.90 -5.56
N SER A 831 5.05 24.16 -5.10
CA SER A 831 4.81 24.46 -3.69
C SER A 831 3.69 25.49 -3.64
N PRO A 832 2.47 25.07 -3.99
CA PRO A 832 1.40 26.06 -3.98
C PRO A 832 1.07 26.51 -2.52
N ALA A 833 0.41 27.63 -2.42
CA ALA A 833 -0.14 28.13 -1.17
C ALA A 833 -1.20 27.13 -0.69
N ALA A 834 -1.40 26.98 0.61
CA ALA A 834 -2.51 26.12 1.05
C ALA A 834 -3.84 26.47 0.37
N MET A 835 -4.70 25.44 0.19
CA MET A 835 -6.01 25.56 -0.45
C MET A 835 -5.85 26.18 -1.84
N GLY A 836 -4.67 25.97 -2.42
CA GLY A 836 -4.36 26.44 -3.76
C GLY A 836 -4.74 27.90 -3.96
N LEU A 837 -4.50 28.76 -2.97
CA LEU A 837 -4.98 30.15 -3.04
C LEU A 837 -4.59 30.93 -4.30
N THR A 838 -3.39 30.70 -4.81
CA THR A 838 -2.89 31.52 -5.90
C THR A 838 -2.65 30.71 -7.15
N SER A 839 -3.10 29.45 -7.13
CA SER A 839 -2.86 28.52 -8.24
C SER A 839 -4.14 27.77 -8.59
N ARG A 840 -5.29 28.29 -8.15
CA ARG A 840 -6.58 27.71 -8.58
C ARG A 840 -7.40 28.79 -9.25
N TRP A 841 -8.25 28.39 -10.22
CA TRP A 841 -8.84 29.38 -11.17
C TRP A 841 -10.29 29.13 -11.39
N ALA A 842 -11.10 30.17 -11.28
CA ALA A 842 -12.50 30.15 -11.72
C ALA A 842 -12.48 30.46 -13.23
N VAL A 843 -13.30 29.74 -13.95
CA VAL A 843 -13.26 29.70 -15.40
C VAL A 843 -14.58 30.24 -15.99
N THR A 844 -14.47 31.09 -17.00
CA THR A 844 -15.63 31.58 -17.76
C THR A 844 -15.29 31.59 -19.25
N LYS A 845 -16.32 31.49 -20.08
CA LYS A 845 -16.20 31.45 -21.54
C LYS A 845 -17.04 32.55 -22.17
N ASN A 846 -16.47 33.36 -23.05
CA ASN A 846 -17.24 34.37 -23.77
C ASN A 846 -17.87 33.77 -25.03
N THR A 847 -18.51 34.61 -25.81
CA THR A 847 -19.21 34.14 -27.01
C THR A 847 -18.22 33.75 -28.11
N LYS A 848 -17.04 34.36 -28.08
CA LYS A 848 -15.99 34.01 -29.03
C LYS A 848 -15.46 32.67 -28.63
N GLY A 849 -15.98 32.16 -27.50
CA GLY A 849 -15.50 30.89 -26.95
C GLY A 849 -14.12 30.96 -26.31
N GLN A 850 -13.60 32.15 -26.02
CA GLN A 850 -12.31 32.25 -25.26
C GLN A 850 -12.53 32.06 -23.77
N ILE A 851 -11.51 31.63 -23.05
CA ILE A 851 -11.59 31.29 -21.63
C ILE A 851 -10.82 32.32 -20.77
N THR A 852 -11.41 32.68 -19.64
CA THR A 852 -10.79 33.55 -18.65
C THR A 852 -10.62 32.75 -17.38
N PHE A 853 -9.46 32.91 -16.76
CA PHE A 853 -9.11 32.27 -15.52
C PHE A 853 -8.92 33.34 -14.44
N ARG A 854 -9.69 33.22 -13.36
CA ARG A 854 -9.72 34.20 -12.29
C ARG A 854 -9.31 33.54 -10.97
N LEU A 855 -8.42 34.18 -10.22
CA LEU A 855 -8.07 33.72 -8.89
C LEU A 855 -9.23 33.85 -7.91
N PRO A 856 -9.23 33.04 -6.85
CA PRO A 856 -10.11 33.25 -5.69
C PRO A 856 -10.04 34.70 -5.32
N GLU A 857 -11.21 35.31 -5.18
CA GLU A 857 -11.25 36.73 -4.95
C GLU A 857 -11.15 37.07 -3.46
N ALA A 858 -10.16 37.89 -3.11
CA ALA A 858 -9.96 38.36 -1.73
C ALA A 858 -11.14 39.29 -1.37
N PRO A 859 -11.65 39.21 -0.11
CA PRO A 859 -12.94 39.88 0.18
C PRO A 859 -12.69 41.38 0.03
N ASP A 860 -11.41 41.72 0.14
CA ASP A 860 -10.84 43.01 -0.20
C ASP A 860 -11.03 43.42 -1.66
N HIS A 861 -10.19 42.84 -2.52
CA HIS A 861 -9.90 43.39 -3.84
C HIS A 861 -10.86 42.96 -4.91
N GLY A 862 -10.57 43.43 -6.13
CA GLY A 862 -11.36 43.09 -7.29
C GLY A 862 -10.86 41.79 -7.82
N PRO A 863 -11.49 41.34 -8.92
CA PRO A 863 -11.05 40.12 -9.60
C PRO A 863 -9.61 40.25 -10.19
N LEU A 864 -8.86 39.15 -10.28
CA LEU A 864 -7.54 39.18 -10.88
C LEU A 864 -7.50 38.01 -11.85
N PHE A 865 -7.24 38.29 -13.14
CA PHE A 865 -7.27 37.23 -14.15
C PHE A 865 -5.90 36.92 -14.69
N LEU A 866 -5.71 35.65 -15.05
CA LEU A 866 -4.51 35.29 -15.78
C LEU A 866 -4.43 36.10 -17.08
N SER A 867 -3.37 36.90 -17.22
CA SER A 867 -3.29 37.87 -18.34
C SER A 867 -1.94 38.00 -19.02
N VAL A 868 -1.97 38.50 -20.25
CA VAL A 868 -0.74 39.00 -20.86
C VAL A 868 -0.50 40.42 -20.36
N SER A 869 0.78 40.80 -20.28
CA SER A 869 1.15 42.13 -19.79
C SER A 869 1.23 43.20 -20.86
N ALA A 870 1.20 42.81 -22.15
CA ALA A 870 1.14 43.75 -23.28
C ALA A 870 0.46 43.15 -24.54
N ILE A 871 0.00 44.01 -25.45
CA ILE A 871 -0.53 43.60 -26.77
C ILE A 871 0.30 44.17 -27.94
N ASP A 878 11.31 36.47 -28.37
CA ASP A 878 10.29 37.44 -27.97
C ASP A 878 9.21 36.91 -27.03
N ALA A 879 9.17 37.48 -25.83
CA ALA A 879 8.31 36.97 -24.80
C ALA A 879 7.66 38.10 -23.98
N ILE A 880 6.38 37.91 -23.72
CA ILE A 880 5.59 38.84 -22.93
C ILE A 880 5.47 38.26 -21.49
N PRO A 881 5.84 39.05 -20.45
CA PRO A 881 5.64 38.58 -19.07
C PRO A 881 4.13 38.30 -18.82
N VAL A 882 3.81 37.26 -18.06
CA VAL A 882 2.39 36.95 -17.80
C VAL A 882 2.13 37.41 -16.35
N ILE A 883 0.95 38.01 -16.09
CA ILE A 883 0.62 38.65 -14.85
C ILE A 883 -0.81 38.32 -14.49
N VAL A 884 -1.22 38.79 -13.30
CA VAL A 884 -2.64 38.86 -12.94
C VAL A 884 -3.02 40.33 -12.77
N GLN A 885 -4.18 40.63 -13.35
CA GLN A 885 -4.77 41.96 -13.33
C GLN A 885 -6.25 41.78 -13.64
N GLY A 886 -7.03 42.75 -13.18
CA GLY A 886 -8.47 42.69 -13.44
C GLY A 886 -9.02 43.98 -14.01
N ASP A 887 -8.15 44.89 -14.48
CA ASP A 887 -8.65 46.14 -15.08
C ASP A 887 -9.18 45.91 -16.50
N SER A 888 -8.49 45.04 -17.25
CA SER A 888 -8.79 44.84 -18.67
C SER A 888 -9.11 43.40 -19.04
N ILE A 889 -10.37 43.16 -19.44
CA ILE A 889 -10.84 41.82 -19.89
C ILE A 889 -10.11 41.37 -21.17
N GLU A 890 -9.75 42.34 -21.99
CA GLU A 890 -9.02 42.20 -23.24
C GLU A 890 -7.73 41.40 -23.09
N LEU A 891 -7.03 41.57 -21.97
CA LEU A 891 -5.71 40.99 -21.78
C LEU A 891 -5.79 39.62 -21.18
N SER A 892 -7.00 39.12 -20.95
CA SER A 892 -7.15 37.84 -20.21
C SER A 892 -8.15 36.87 -20.84
N ALA A 893 -8.34 37.01 -22.15
CA ALA A 893 -9.09 36.03 -22.91
C ALA A 893 -8.11 35.10 -23.64
N TRP A 894 -8.23 33.79 -23.39
CA TRP A 894 -7.38 32.77 -24.03
C TRP A 894 -8.11 31.77 -24.94
N SER A 895 -7.51 31.38 -26.07
CA SER A 895 -8.01 30.19 -26.80
C SER A 895 -7.32 28.92 -26.38
N LEU A 896 -8.13 27.91 -26.11
CA LEU A 896 -7.63 26.59 -25.76
C LEU A 896 -7.65 25.69 -26.95
N VAL A 897 -6.49 25.16 -27.32
CA VAL A 897 -6.40 24.31 -28.49
C VAL A 897 -5.92 22.93 -28.03
N PRO A 898 -6.72 21.87 -28.27
CA PRO A 898 -6.30 20.53 -27.82
C PRO A 898 -4.87 20.24 -28.32
N ALA A 899 -4.03 19.63 -27.49
CA ALA A 899 -2.62 19.32 -27.83
C ALA A 899 -2.34 17.87 -27.57
ZN ZN B . 24.62 -19.75 5.21
ZN ZN C . 7.62 -3.07 -6.92
ZN ZN D . -22.12 21.17 14.12
MG MG E . 0.90 -34.20 -2.94
C1 GOL F . -2.61 -22.34 0.46
O1 GOL F . -2.38 -23.59 -0.23
C2 GOL F . -3.47 -22.59 1.70
O2 GOL F . -4.67 -23.39 1.45
C3 GOL F . -2.59 -23.30 2.67
O3 GOL F . -1.63 -22.35 3.00
C1 GOL G . 6.23 40.56 -4.19
O1 GOL G . 5.11 41.19 -4.86
C2 GOL G . 7.09 39.99 -5.29
O2 GOL G . 8.42 40.45 -5.06
C3 GOL G . 7.10 38.44 -5.46
O3 GOL G . 6.88 37.68 -4.27
C1 GOL H . -21.74 29.08 2.89
O1 GOL H . -21.72 28.33 1.67
C2 GOL H . -22.51 30.40 2.87
O2 GOL H . -23.66 30.18 3.65
C3 GOL H . -21.78 31.54 3.56
O3 GOL H . -21.62 32.64 2.69
C1 GOL I . -0.50 9.32 16.51
O1 GOL I . -0.85 10.61 15.97
C2 GOL I . 0.04 8.35 15.43
O2 GOL I . 1.10 7.55 15.96
C3 GOL I . 0.51 9.07 14.18
O3 GOL I . -0.58 9.70 13.49
C1 GOL J . -24.25 16.43 17.52
O1 GOL J . -24.57 17.83 17.52
C2 GOL J . -23.55 16.05 16.22
O2 GOL J . -24.35 16.32 15.06
C3 GOL J . -22.18 16.74 16.13
O3 GOL J . -21.63 16.25 14.87
#